data_3RN5
#
_entry.id   3RN5
#
_cell.length_a   62.360
_cell.length_b   136.360
_cell.length_c   77.040
_cell.angle_alpha   90.00
_cell.angle_beta   89.98
_cell.angle_gamma   90.00
#
_symmetry.space_group_name_H-M   'P 1 21 1'
#
loop_
_entity.id
_entity.type
_entity.pdbx_description
1 polymer 'Interferon-inducible protein AIM2'
2 polymer "DNA (5'-D(*CP*CP*AP*TP*CP*AP*AP*AP*GP*AP*GP*AP*GP*AP*AP*AP*GP*AP*G)-3')"
3 polymer "DNA (5'-D(*GP*CP*TP*CP*TP*TP*TP*CP*TP*CP*TP*CP*TP*TP*TP*GP*AP*TP*G)-3')"
4 non-polymer 1,2-ETHANEDIOL
5 water water
#
loop_
_entity_poly.entity_id
_entity_poly.type
_entity_poly.pdbx_seq_one_letter_code
_entity_poly.pdbx_strand_id
1 'polypeptide(L)'
;GSVDSIREGFQKRCLPVMVLKAKKPFTFETQEGKQEMFHATVATEKEFFFVKVFNTLLKDKFIPKRIIIIARYYRHSGFL
EVNSASRVLDAESDQKVNVPLNIIRKAGETPKINTLQTQPLGTIVNGLFVVQKVTEKKKNILFDLSDNTGKMEVLGVRNE
DTMKCKEGDKVRLTFFTLSKNGEKLQLTSGVHSTIKVIKAKKKTAAAS
;
A,B,C,D
2 'polydeoxyribonucleotide' (DC)(DC)(DA)(DT)(DC)(DA)(DA)(DA)(DG)(DA)(DG)(DA)(DG)(DA)(DA)(DA)(DG)(DA)(DG) K,M
3 'polydeoxyribonucleotide' (DG)(DC)(DT)(DC)(DT)(DT)(DT)(DC)(DT)(DC)(DT)(DC)(DT)(DT)(DT)(DG)(DA)(DT)(DG) L,N
#
loop_
_chem_comp.id
_chem_comp.type
_chem_comp.name
_chem_comp.formula
DA DNA linking 2'-DEOXYADENOSINE-5'-MONOPHOSPHATE 'C10 H14 N5 O6 P'
DC DNA linking 2'-DEOXYCYTIDINE-5'-MONOPHOSPHATE 'C9 H14 N3 O7 P'
DG DNA linking 2'-DEOXYGUANOSINE-5'-MONOPHOSPHATE 'C10 H14 N5 O7 P'
DT DNA linking THYMIDINE-5'-MONOPHOSPHATE 'C10 H15 N2 O8 P'
EDO non-polymer 1,2-ETHANEDIOL 'C2 H6 O2'
#
# COMPACT_ATOMS: atom_id res chain seq x y z
N GLU A 8 3.43 11.41 -40.30
CA GLU A 8 3.51 10.84 -41.63
C GLU A 8 4.59 11.53 -42.45
N GLY A 9 5.74 10.87 -42.61
CA GLY A 9 6.80 11.36 -43.47
C GLY A 9 7.57 12.58 -43.00
N PHE A 10 8.38 13.14 -43.90
CA PHE A 10 9.19 14.32 -43.62
C PHE A 10 8.34 15.47 -43.12
N GLN A 11 8.73 16.03 -41.98
CA GLN A 11 8.01 17.16 -41.42
C GLN A 11 8.89 18.40 -41.42
N LYS A 12 8.58 19.36 -42.29
CA LYS A 12 9.15 20.67 -42.16
C LYS A 12 8.07 21.55 -41.56
N ARG A 13 8.25 21.87 -40.27
CA ARG A 13 7.31 22.65 -39.49
C ARG A 13 7.88 22.67 -38.08
N CYS A 14 7.47 23.63 -37.27
CA CYS A 14 8.15 23.82 -36.00
C CYS A 14 7.42 23.14 -34.85
N LEU A 15 8.05 22.11 -34.30
CA LEU A 15 7.43 21.31 -33.26
C LEU A 15 8.15 21.41 -31.92
N PRO A 16 7.50 22.05 -30.94
CA PRO A 16 8.09 22.11 -29.59
C PRO A 16 8.01 20.74 -28.93
N VAL A 17 9.12 20.28 -28.34
CA VAL A 17 9.13 19.03 -27.59
C VAL A 17 10.00 19.15 -26.36
N MET A 18 9.62 18.46 -25.30
CA MET A 18 10.43 18.41 -24.10
C MET A 18 11.43 17.30 -24.27
N VAL A 19 12.70 17.61 -24.13
CA VAL A 19 13.71 16.57 -24.16
C VAL A 19 13.53 15.76 -22.88
N LEU A 20 13.56 14.44 -23.00
CA LEU A 20 13.36 13.56 -21.85
C LEU A 20 14.62 12.75 -21.56
N LYS A 21 15.04 11.93 -22.53
CA LYS A 21 16.34 11.30 -22.42
C LYS A 21 17.19 11.68 -23.61
N ALA A 22 18.49 11.79 -23.40
CA ALA A 22 19.43 11.87 -24.51
C ALA A 22 20.68 11.10 -24.11
N LYS A 23 21.15 10.21 -24.97
CA LYS A 23 22.28 9.37 -24.60
C LYS A 23 23.61 9.87 -25.16
N LYS A 24 24.66 9.15 -24.77
CA LYS A 24 26.02 9.50 -25.14
C LYS A 24 26.26 9.03 -26.55
N PRO A 25 26.75 9.93 -27.42
CA PRO A 25 26.96 9.61 -28.82
C PRO A 25 27.83 8.37 -29.00
N PHE A 26 27.57 7.62 -30.06
CA PHE A 26 28.38 6.48 -30.39
C PHE A 26 28.70 6.52 -31.89
N THR A 27 29.50 5.58 -32.36
CA THR A 27 29.84 5.55 -33.77
C THR A 27 29.41 4.21 -34.38
N PHE A 28 29.17 4.21 -35.68
CA PHE A 28 28.68 3.03 -36.36
C PHE A 28 29.02 3.04 -37.85
N GLU A 29 28.89 1.90 -38.52
CA GLU A 29 29.34 1.75 -39.91
C GLU A 29 28.23 1.45 -40.93
N THR A 30 28.46 1.90 -42.17
CA THR A 30 27.59 1.62 -43.30
C THR A 30 28.43 1.33 -44.54
N GLN A 31 27.78 1.16 -45.69
CA GLN A 31 28.52 0.98 -46.94
C GLN A 31 29.33 2.25 -47.25
N GLU A 32 28.86 3.38 -46.73
CA GLU A 32 29.53 4.66 -46.92
C GLU A 32 30.66 4.85 -45.92
N GLY A 33 30.78 3.91 -44.98
CA GLY A 33 31.77 4.02 -43.92
C GLY A 33 31.20 4.54 -42.61
N LYS A 34 32.10 5.03 -41.75
CA LYS A 34 31.77 5.41 -40.39
C LYS A 34 30.73 6.55 -40.30
N GLN A 35 29.97 6.55 -39.22
CA GLN A 35 29.02 7.63 -38.94
C GLN A 35 28.99 7.95 -37.45
N GLU A 36 28.20 8.95 -37.09
CA GLU A 36 28.07 9.35 -35.70
C GLU A 36 26.61 9.67 -35.39
N MET A 37 26.21 9.48 -34.15
CA MET A 37 24.85 9.80 -33.74
C MET A 37 24.71 9.71 -32.24
N PHE A 38 23.50 9.95 -31.76
CA PHE A 38 23.16 9.63 -30.38
C PHE A 38 21.68 9.30 -30.30
N HIS A 39 21.27 8.68 -29.20
CA HIS A 39 19.88 8.31 -29.00
C HIS A 39 19.27 9.27 -27.98
N ALA A 40 17.97 9.53 -28.12
CA ALA A 40 17.28 10.43 -27.21
C ALA A 40 15.79 10.12 -27.16
N THR A 41 15.13 10.62 -26.11
CA THR A 41 13.68 10.54 -25.99
C THR A 41 13.12 11.94 -25.73
N VAL A 42 12.14 12.34 -26.53
CA VAL A 42 11.45 13.62 -26.35
C VAL A 42 9.95 13.42 -26.39
N ALA A 43 9.19 14.41 -25.93
CA ALA A 43 7.75 14.25 -25.85
C ALA A 43 6.98 15.55 -26.04
N THR A 44 5.82 15.44 -26.69
CA THR A 44 4.84 16.51 -26.69
C THR A 44 3.88 16.28 -25.54
N GLU A 45 2.87 17.14 -25.43
CA GLU A 45 1.92 17.04 -24.34
C GLU A 45 1.09 15.77 -24.48
N LYS A 46 0.76 15.41 -25.72
CA LYS A 46 -0.01 14.20 -25.99
C LYS A 46 0.84 12.91 -26.03
N GLU A 47 2.03 12.97 -26.61
CA GLU A 47 2.85 11.76 -26.82
C GLU A 47 4.36 11.89 -26.62
N PHE A 48 5.05 10.75 -26.61
CA PHE A 48 6.52 10.70 -26.51
C PHE A 48 7.16 10.03 -27.72
N PHE A 49 8.45 10.33 -27.95
CA PHE A 49 9.16 9.82 -29.11
C PHE A 49 10.59 9.44 -28.80
N PHE A 50 11.05 8.39 -29.46
CA PHE A 50 12.48 8.04 -29.44
C PHE A 50 13.16 8.67 -30.65
N VAL A 51 14.39 9.12 -30.49
CA VAL A 51 15.04 9.88 -31.55
C VAL A 51 16.38 9.30 -31.99
N LYS A 52 16.59 9.29 -33.29
CA LYS A 52 17.90 9.08 -33.87
C LYS A 52 18.40 10.45 -34.29
N VAL A 53 19.40 10.97 -33.60
CA VAL A 53 19.99 12.23 -34.01
C VAL A 53 21.39 11.99 -34.54
N PHE A 54 21.56 12.16 -35.85
CA PHE A 54 22.83 11.85 -36.48
C PHE A 54 23.76 13.05 -36.62
N ASN A 55 23.25 14.22 -36.24
CA ASN A 55 24.14 15.35 -36.12
C ASN A 55 24.41 15.55 -34.64
N THR A 56 25.61 15.21 -34.23
CA THR A 56 25.89 15.05 -32.81
C THR A 56 26.08 16.39 -32.10
N LEU A 57 26.21 17.45 -32.88
CA LEU A 57 26.32 18.78 -32.30
C LEU A 57 25.05 19.14 -31.53
N LEU A 58 23.97 18.42 -31.84
CA LEU A 58 22.67 18.72 -31.26
C LEU A 58 22.64 18.52 -29.75
N LYS A 59 23.73 17.97 -29.21
CA LYS A 59 23.83 17.71 -27.79
C LYS A 59 23.74 19.01 -26.99
N ASP A 60 23.82 20.14 -27.68
CA ASP A 60 23.56 21.43 -27.07
C ASP A 60 22.10 21.49 -26.67
N LYS A 61 21.23 21.18 -27.63
CA LYS A 61 19.80 21.27 -27.42
C LYS A 61 19.23 20.06 -26.70
N PHE A 62 19.68 18.86 -27.06
CA PHE A 62 19.11 17.64 -26.47
C PHE A 62 19.68 17.44 -25.09
N ILE A 63 18.80 17.51 -24.10
CA ILE A 63 19.16 17.47 -22.70
C ILE A 63 17.82 17.48 -22.00
N PRO A 64 17.65 16.59 -21.02
CA PRO A 64 16.35 16.39 -20.37
C PRO A 64 15.76 17.69 -19.80
N LYS A 65 14.44 17.77 -19.80
CA LYS A 65 13.71 18.89 -19.22
C LYS A 65 13.73 20.16 -20.07
N ARG A 66 14.61 20.18 -21.06
CA ARG A 66 14.77 21.33 -21.92
C ARG A 66 13.80 21.30 -23.10
N ILE A 67 12.99 22.34 -23.23
CA ILE A 67 12.09 22.44 -24.37
C ILE A 67 12.85 22.96 -25.58
N ILE A 68 12.62 22.33 -26.72
CA ILE A 68 13.24 22.73 -27.97
C ILE A 68 12.21 22.67 -29.09
N ILE A 69 12.56 23.24 -30.23
CA ILE A 69 11.65 23.25 -31.37
C ILE A 69 12.36 22.78 -32.62
N ILE A 70 11.69 21.97 -33.42
CA ILE A 70 12.36 21.28 -34.51
C ILE A 70 11.55 21.19 -35.81
N ALA A 71 12.25 21.28 -36.93
CA ALA A 71 11.66 21.13 -38.25
C ALA A 71 12.62 20.36 -39.17
N ARG A 72 12.12 19.93 -40.32
CA ARG A 72 12.93 19.22 -41.32
C ARG A 72 13.45 17.87 -40.86
N TYR A 73 12.75 17.26 -39.90
CA TYR A 73 13.10 15.94 -39.42
C TYR A 73 12.24 14.90 -40.14
N TYR A 74 12.48 13.62 -39.85
CA TYR A 74 11.72 12.56 -40.48
C TYR A 74 10.91 11.80 -39.44
N ARG A 75 9.74 11.32 -39.84
CA ARG A 75 8.92 10.49 -38.96
C ARG A 75 8.76 9.06 -39.49
N HIS A 76 9.40 8.11 -38.83
CA HIS A 76 9.35 6.71 -39.24
C HIS A 76 8.29 5.94 -38.45
N SER A 77 8.28 4.63 -38.59
CA SER A 77 7.31 3.78 -37.91
C SER A 77 7.24 4.06 -36.41
N GLY A 78 8.28 3.65 -35.69
CA GLY A 78 8.29 3.76 -34.24
C GLY A 78 9.26 4.78 -33.68
N PHE A 79 9.78 5.64 -34.54
CA PHE A 79 10.81 6.59 -34.13
C PHE A 79 10.94 7.82 -35.03
N LEU A 80 11.84 8.71 -34.65
CA LEU A 80 12.08 9.96 -35.37
C LEU A 80 13.52 10.15 -35.77
N GLU A 81 13.73 10.69 -36.97
CA GLU A 81 15.07 10.98 -37.45
C GLU A 81 15.39 12.48 -37.51
N VAL A 82 16.51 12.83 -36.93
CA VAL A 82 17.02 14.19 -37.01
C VAL A 82 18.38 14.16 -37.68
N ASN A 83 18.43 14.74 -38.88
CA ASN A 83 19.63 14.77 -39.68
C ASN A 83 20.32 16.13 -39.55
N SER A 84 21.39 16.32 -40.31
CA SER A 84 22.09 17.60 -40.36
C SER A 84 21.34 18.62 -41.22
N ALA A 85 20.32 18.14 -41.92
CA ALA A 85 19.52 18.99 -42.82
C ALA A 85 18.28 19.56 -42.14
N SER A 86 18.06 19.21 -40.87
CA SER A 86 16.96 19.79 -40.10
C SER A 86 17.47 20.92 -39.21
N ARG A 87 16.60 21.48 -38.37
CA ARG A 87 16.99 22.54 -37.46
C ARG A 87 16.32 22.45 -36.09
N VAL A 88 17.14 22.58 -35.05
CA VAL A 88 16.67 22.52 -33.67
C VAL A 88 17.02 23.84 -32.98
N LEU A 89 16.17 24.30 -32.08
CA LEU A 89 16.39 25.60 -31.44
C LEU A 89 15.84 25.70 -30.02
N ASP A 90 16.54 26.43 -29.16
CA ASP A 90 16.02 26.78 -27.85
C ASP A 90 14.67 27.44 -28.08
N ALA A 91 13.65 26.98 -27.38
CA ALA A 91 12.31 27.51 -27.60
C ALA A 91 12.12 28.82 -26.87
N GLU A 92 11.20 29.63 -27.36
CA GLU A 92 10.85 30.89 -26.73
C GLU A 92 10.46 30.66 -25.29
N SER A 93 10.73 31.64 -24.45
CA SER A 93 10.31 31.58 -23.06
C SER A 93 8.79 31.38 -22.96
N ASP A 94 8.10 31.67 -24.05
CA ASP A 94 6.64 31.51 -24.10
C ASP A 94 6.18 30.06 -24.26
N GLN A 95 7.05 29.22 -24.83
CA GLN A 95 6.68 27.84 -25.15
C GLN A 95 6.23 27.04 -23.94
N LYS A 96 5.25 26.17 -24.13
CA LYS A 96 4.64 25.42 -23.04
C LYS A 96 5.16 23.98 -22.97
N VAL A 97 4.70 23.15 -23.90
CA VAL A 97 5.02 21.72 -23.89
C VAL A 97 4.91 21.13 -22.48
N ASN A 98 3.69 21.10 -21.95
CA ASN A 98 3.49 20.60 -20.59
C ASN A 98 3.16 19.12 -20.59
N VAL A 99 4.11 18.32 -20.10
CA VAL A 99 4.06 16.88 -20.25
C VAL A 99 3.57 16.18 -18.98
N PRO A 100 2.46 15.43 -19.08
CA PRO A 100 1.86 14.69 -17.97
C PRO A 100 2.70 13.50 -17.55
N LEU A 101 2.78 13.29 -16.24
CA LEU A 101 3.67 12.29 -15.65
C LEU A 101 3.55 10.91 -16.25
N ASN A 102 2.34 10.51 -16.64
CA ASN A 102 2.18 9.16 -17.16
C ASN A 102 2.88 8.94 -18.49
N ILE A 103 3.12 10.02 -19.23
CA ILE A 103 3.89 9.92 -20.45
C ILE A 103 5.38 9.89 -20.15
N ILE A 104 5.78 10.69 -19.18
CA ILE A 104 7.15 10.65 -18.70
C ILE A 104 7.47 9.25 -18.19
N ARG A 105 6.67 8.76 -17.24
CA ARG A 105 6.88 7.43 -16.69
C ARG A 105 6.92 6.38 -17.79
N LYS A 106 6.04 6.51 -18.76
CA LYS A 106 5.96 5.51 -19.83
C LYS A 106 7.06 5.68 -20.87
N ALA A 107 7.55 6.91 -21.03
CA ALA A 107 8.64 7.15 -21.96
C ALA A 107 9.90 6.43 -21.52
N GLY A 108 10.11 6.36 -20.21
CA GLY A 108 11.37 5.88 -19.69
C GLY A 108 11.43 4.46 -19.14
N GLU A 109 10.28 3.81 -19.03
CA GLU A 109 10.22 2.49 -18.40
C GLU A 109 10.58 1.37 -19.36
N THR A 110 11.27 0.35 -18.85
CA THR A 110 11.54 -0.84 -19.63
C THR A 110 10.23 -1.60 -19.81
N PRO A 111 9.87 -1.87 -21.08
CA PRO A 111 8.63 -2.59 -21.37
C PRO A 111 8.65 -4.02 -20.83
N LYS A 112 7.51 -4.50 -20.35
CA LYS A 112 7.39 -5.89 -19.94
C LYS A 112 7.35 -6.79 -21.17
N ILE A 113 8.01 -7.93 -21.11
CA ILE A 113 8.07 -8.83 -22.25
C ILE A 113 6.70 -9.17 -22.81
N ASN A 114 5.79 -9.60 -21.96
CA ASN A 114 4.46 -10.02 -22.41
C ASN A 114 3.71 -8.88 -23.09
N THR A 115 4.03 -7.64 -22.72
CA THR A 115 3.45 -6.48 -23.37
C THR A 115 3.91 -6.40 -24.81
N LEU A 116 5.16 -6.84 -25.04
CA LEU A 116 5.77 -6.82 -26.37
C LEU A 116 5.16 -7.86 -27.28
N GLN A 117 4.79 -9.00 -26.70
CA GLN A 117 4.16 -10.07 -27.45
C GLN A 117 2.91 -9.58 -28.19
N THR A 118 2.23 -8.60 -27.61
CA THR A 118 1.01 -8.06 -28.22
C THR A 118 1.24 -6.83 -29.10
N GLN A 119 2.45 -6.27 -29.06
CA GLN A 119 2.75 -5.03 -29.81
C GLN A 119 3.05 -5.28 -31.29
N PRO A 120 2.81 -4.28 -32.13
CA PRO A 120 3.07 -4.39 -33.57
C PRO A 120 4.56 -4.48 -33.86
N LEU A 121 4.94 -5.39 -34.75
CA LEU A 121 6.35 -5.52 -35.12
C LEU A 121 6.80 -4.22 -35.77
N GLY A 122 8.10 -3.95 -35.72
CA GLY A 122 8.60 -2.69 -36.24
C GLY A 122 8.52 -1.65 -35.15
N THR A 123 8.28 -2.13 -33.93
CA THR A 123 8.32 -1.29 -32.75
C THR A 123 9.74 -1.24 -32.23
N ILE A 124 10.17 -0.06 -31.79
CA ILE A 124 11.48 0.10 -31.20
C ILE A 124 11.39 -0.26 -29.73
N VAL A 125 12.40 -0.97 -29.23
CA VAL A 125 12.45 -1.35 -27.82
C VAL A 125 13.77 -0.96 -27.19
N ASN A 126 13.71 -0.21 -26.10
CA ASN A 126 14.86 0.07 -25.26
C ASN A 126 14.57 -0.47 -23.85
N GLY A 127 15.59 -0.89 -23.11
CA GLY A 127 15.37 -1.31 -21.75
C GLY A 127 16.48 -2.08 -21.06
N LEU A 128 16.36 -2.24 -19.74
CA LEU A 128 17.32 -3.02 -18.97
C LEU A 128 16.71 -4.37 -18.62
N PHE A 129 17.29 -5.45 -19.13
CA PHE A 129 16.71 -6.79 -19.02
C PHE A 129 17.68 -7.76 -18.34
N VAL A 130 17.14 -8.78 -17.69
CA VAL A 130 17.95 -9.84 -17.07
C VAL A 130 18.35 -10.89 -18.09
N VAL A 131 19.63 -11.25 -18.09
CA VAL A 131 20.16 -12.21 -19.05
C VAL A 131 20.03 -13.66 -18.54
N GLN A 132 19.26 -14.47 -19.26
CA GLN A 132 19.01 -15.84 -18.87
C GLN A 132 20.12 -16.77 -19.36
N LYS A 133 20.19 -16.97 -20.67
CA LYS A 133 21.23 -17.81 -21.27
C LYS A 133 21.81 -17.16 -22.52
N VAL A 134 23.05 -17.53 -22.87
CA VAL A 134 23.69 -16.96 -24.04
C VAL A 134 24.36 -18.00 -24.94
N THR A 135 23.84 -18.15 -26.15
CA THR A 135 24.42 -19.04 -27.15
C THR A 135 25.11 -18.18 -28.18
N GLU A 136 26.44 -18.18 -28.14
CA GLU A 136 27.24 -17.38 -29.05
C GLU A 136 27.26 -17.99 -30.46
N LYS A 137 27.03 -17.16 -31.47
CA LYS A 137 27.02 -17.62 -32.85
C LYS A 137 28.32 -17.25 -33.57
N LYS A 138 28.26 -17.17 -34.90
CA LYS A 138 29.43 -16.84 -35.70
C LYS A 138 29.43 -15.36 -36.07
N LYS A 139 28.25 -14.84 -36.41
CA LYS A 139 28.13 -13.44 -36.80
C LYS A 139 27.32 -12.66 -35.77
N ASN A 140 26.72 -13.38 -34.82
CA ASN A 140 25.92 -12.76 -33.78
C ASN A 140 25.94 -13.52 -32.47
N ILE A 141 25.22 -12.98 -31.50
CA ILE A 141 25.02 -13.68 -30.24
C ILE A 141 23.53 -13.73 -29.96
N LEU A 142 23.02 -14.91 -29.64
CA LEU A 142 21.60 -15.06 -29.34
C LEU A 142 21.37 -14.96 -27.83
N PHE A 143 20.75 -13.85 -27.42
CA PHE A 143 20.45 -13.60 -26.02
C PHE A 143 19.01 -14.00 -25.72
N ASP A 144 18.85 -15.00 -24.85
CA ASP A 144 17.54 -15.37 -24.34
C ASP A 144 17.32 -14.63 -23.01
N LEU A 145 16.39 -13.69 -23.00
CA LEU A 145 16.19 -12.81 -21.86
C LEU A 145 14.86 -13.08 -21.18
N SER A 146 14.75 -12.69 -19.91
CA SER A 146 13.54 -12.97 -19.16
C SER A 146 13.18 -11.86 -18.17
N ASP A 147 11.90 -11.82 -17.83
CA ASP A 147 11.42 -11.12 -16.66
C ASP A 147 10.23 -11.91 -16.11
N ASN A 148 9.48 -11.32 -15.18
CA ASN A 148 8.37 -12.02 -14.56
C ASN A 148 7.29 -12.37 -15.57
N THR A 149 7.23 -11.61 -16.65
CA THR A 149 6.20 -11.82 -17.67
C THR A 149 6.50 -12.93 -18.67
N GLY A 150 7.77 -13.23 -18.89
CA GLY A 150 8.12 -14.31 -19.79
C GLY A 150 9.48 -14.23 -20.44
N LYS A 151 9.64 -14.93 -21.58
CA LYS A 151 10.91 -15.03 -22.27
C LYS A 151 10.87 -14.37 -23.65
N MET A 152 12.03 -13.92 -24.13
CA MET A 152 12.20 -13.56 -25.52
C MET A 152 13.67 -13.71 -25.92
N GLU A 153 13.91 -13.95 -27.21
CA GLU A 153 15.27 -14.12 -27.70
C GLU A 153 15.67 -12.86 -28.44
N VAL A 154 16.97 -12.53 -28.39
CA VAL A 154 17.46 -11.34 -29.07
C VAL A 154 18.80 -11.63 -29.76
N LEU A 155 18.87 -11.35 -31.05
CA LEU A 155 20.13 -11.51 -31.77
C LEU A 155 20.82 -10.17 -31.93
N GLY A 156 21.92 -10.01 -31.21
CA GLY A 156 22.71 -8.80 -31.29
C GLY A 156 24.04 -9.04 -31.99
N VAL A 157 24.97 -8.11 -31.79
CA VAL A 157 26.30 -8.19 -32.36
C VAL A 157 27.25 -8.92 -31.42
N ARG A 158 28.15 -9.72 -31.99
CA ARG A 158 29.12 -10.47 -31.20
C ARG A 158 30.42 -9.70 -31.08
N ASN A 159 30.76 -9.25 -29.88
CA ASN A 159 31.99 -8.46 -29.69
C ASN A 159 32.46 -8.33 -28.24
N GLU A 160 33.46 -7.49 -28.02
CA GLU A 160 34.11 -7.34 -26.72
C GLU A 160 33.14 -7.23 -25.55
N ASP A 161 32.45 -6.09 -25.48
CA ASP A 161 31.58 -5.83 -24.33
C ASP A 161 30.34 -6.71 -24.33
N THR A 162 29.84 -7.06 -25.52
CA THR A 162 28.69 -7.95 -25.61
C THR A 162 29.08 -9.35 -25.14
N MET A 163 30.38 -9.60 -25.10
CA MET A 163 30.88 -10.87 -24.61
C MET A 163 31.36 -10.82 -23.15
N LYS A 164 31.21 -9.65 -22.52
CA LYS A 164 31.43 -9.51 -21.08
C LYS A 164 30.27 -10.16 -20.33
N CYS A 165 29.20 -10.44 -21.06
CA CYS A 165 27.91 -10.78 -20.48
C CYS A 165 27.76 -12.25 -20.13
N LYS A 166 27.26 -12.51 -18.92
CA LYS A 166 27.04 -13.86 -18.44
C LYS A 166 25.65 -13.96 -17.81
N GLU A 167 25.20 -15.18 -17.54
CA GLU A 167 23.94 -15.35 -16.84
C GLU A 167 23.95 -14.50 -15.58
N GLY A 168 22.83 -13.86 -15.29
CA GLY A 168 22.69 -13.09 -14.07
C GLY A 168 23.04 -11.63 -14.25
N ASP A 169 23.82 -11.33 -15.29
CA ASP A 169 24.10 -9.95 -15.63
C ASP A 169 22.85 -9.36 -16.25
N LYS A 170 22.92 -8.07 -16.55
CA LYS A 170 21.83 -7.40 -17.24
C LYS A 170 22.41 -6.82 -18.51
N VAL A 171 21.57 -6.53 -19.48
CA VAL A 171 21.99 -5.73 -20.62
C VAL A 171 21.00 -4.62 -20.89
N ARG A 172 21.52 -3.47 -21.32
CA ARG A 172 20.68 -2.36 -21.72
C ARG A 172 20.64 -2.29 -23.24
N LEU A 173 19.46 -2.49 -23.82
CA LEU A 173 19.31 -2.43 -25.27
C LEU A 173 18.71 -1.12 -25.68
N THR A 174 19.25 -0.49 -26.71
CA THR A 174 18.69 0.75 -27.19
C THR A 174 18.47 0.67 -28.68
N PHE A 175 17.23 0.88 -29.09
CA PHE A 175 16.84 0.83 -30.49
C PHE A 175 16.93 -0.54 -31.16
N PHE A 176 16.56 -1.58 -30.42
CA PHE A 176 16.30 -2.86 -31.06
C PHE A 176 14.90 -2.81 -31.66
N THR A 177 14.65 -3.64 -32.67
CA THR A 177 13.35 -3.67 -33.32
C THR A 177 12.65 -4.99 -33.06
N LEU A 178 11.33 -4.94 -32.85
CA LEU A 178 10.57 -6.17 -32.63
C LEU A 178 10.41 -6.88 -33.96
N SER A 179 10.96 -8.08 -34.05
CA SER A 179 10.95 -8.86 -35.27
C SER A 179 9.80 -9.86 -35.23
N LYS A 180 9.82 -10.74 -34.23
CA LYS A 180 8.74 -11.68 -34.00
C LYS A 180 7.99 -11.32 -32.72
N ASN A 181 6.69 -11.45 -32.75
CA ASN A 181 5.89 -11.31 -31.54
C ASN A 181 4.97 -12.51 -31.30
N GLY A 182 4.12 -12.41 -30.28
CA GLY A 182 3.31 -13.53 -29.85
C GLY A 182 4.09 -14.33 -28.81
N GLU A 183 3.66 -15.56 -28.55
CA GLU A 183 4.43 -16.43 -27.68
C GLU A 183 5.85 -16.47 -28.22
N LYS A 184 6.84 -16.28 -27.34
CA LYS A 184 8.24 -16.29 -27.74
C LYS A 184 8.57 -15.27 -28.82
N LEU A 185 8.46 -13.98 -28.48
CA LEU A 185 8.87 -12.90 -29.37
C LEU A 185 10.39 -12.86 -29.47
N GLN A 186 10.91 -12.17 -30.48
CA GLN A 186 12.35 -11.97 -30.62
C GLN A 186 12.65 -10.53 -31.00
N LEU A 187 13.73 -9.97 -30.44
CA LEU A 187 14.18 -8.64 -30.84
C LEU A 187 15.48 -8.75 -31.64
N THR A 188 15.61 -7.89 -32.65
CA THR A 188 16.75 -7.98 -33.56
C THR A 188 17.61 -6.74 -33.57
N SER A 189 18.90 -6.94 -33.77
CA SER A 189 19.84 -5.83 -33.89
C SER A 189 19.79 -5.20 -35.28
N GLY A 190 20.16 -3.92 -35.33
CA GLY A 190 20.15 -3.15 -36.56
C GLY A 190 21.26 -2.13 -36.48
N VAL A 191 21.42 -1.31 -37.50
CA VAL A 191 22.59 -0.44 -37.61
C VAL A 191 22.72 0.52 -36.47
N HIS A 192 21.59 0.99 -36.00
CA HIS A 192 21.56 2.03 -34.98
C HIS A 192 21.29 1.53 -33.56
N SER A 193 21.23 0.22 -33.39
CA SER A 193 21.04 -0.34 -32.07
C SER A 193 22.31 -0.22 -31.24
N THR A 194 22.17 -0.29 -29.92
CA THR A 194 23.32 -0.34 -29.03
C THR A 194 23.05 -1.27 -27.86
N ILE A 195 24.11 -1.81 -27.27
CA ILE A 195 23.98 -2.66 -26.09
C ILE A 195 25.11 -2.45 -25.08
N LYS A 196 24.78 -2.53 -23.80
CA LYS A 196 25.77 -2.33 -22.74
C LYS A 196 25.62 -3.40 -21.69
N VAL A 197 26.71 -4.11 -21.40
CA VAL A 197 26.64 -5.21 -20.45
C VAL A 197 26.98 -4.80 -19.03
N ILE A 198 26.07 -5.12 -18.11
CA ILE A 198 26.23 -4.81 -16.70
C ILE A 198 26.53 -6.10 -15.94
N LYS A 199 27.71 -6.18 -15.32
CA LYS A 199 28.08 -7.34 -14.51
C LYS A 199 27.13 -7.54 -13.35
N ALA A 200 26.70 -8.78 -13.15
CA ALA A 200 25.83 -9.11 -12.03
C ALA A 200 26.53 -8.78 -10.70
N LYS A 201 25.87 -7.99 -9.87
CA LYS A 201 26.44 -7.55 -8.60
C LYS A 201 27.74 -6.79 -8.81
N GLU B 8 26.87 0.86 33.17
CA GLU B 8 27.44 0.53 31.87
C GLU B 8 26.78 -0.74 31.36
N GLY B 9 25.82 -0.60 30.44
CA GLY B 9 24.98 -1.70 30.00
C GLY B 9 25.61 -2.55 28.91
N PHE B 10 26.94 -2.48 28.81
CA PHE B 10 27.67 -3.18 27.77
C PHE B 10 27.29 -4.65 27.73
N GLN B 11 26.93 -5.14 26.54
CA GLN B 11 26.53 -6.52 26.40
C GLN B 11 27.58 -7.21 25.54
N LYS B 12 28.39 -8.05 26.18
CA LYS B 12 29.48 -8.74 25.49
C LYS B 12 28.89 -9.85 24.63
N ARG B 13 27.80 -10.44 25.13
CA ARG B 13 27.12 -11.52 24.45
C ARG B 13 26.70 -11.08 23.06
N CYS B 14 26.69 -12.02 22.13
CA CYS B 14 26.32 -11.72 20.75
C CYS B 14 24.82 -11.49 20.66
N LEU B 15 24.34 -11.33 19.43
CA LEU B 15 22.91 -11.39 19.16
C LEU B 15 22.65 -11.23 17.68
N PRO B 16 21.82 -12.11 17.12
CA PRO B 16 21.36 -11.96 15.74
C PRO B 16 20.25 -10.94 15.72
N VAL B 17 20.17 -10.14 14.66
CA VAL B 17 19.12 -9.16 14.54
C VAL B 17 18.79 -9.01 13.07
N MET B 18 17.51 -8.85 12.77
CA MET B 18 17.08 -8.58 11.40
C MET B 18 17.02 -7.08 11.22
N VAL B 19 17.92 -6.53 10.41
CA VAL B 19 17.98 -5.08 10.26
C VAL B 19 16.73 -4.64 9.55
N LEU B 20 15.93 -3.81 10.21
CA LEU B 20 14.69 -3.31 9.61
C LEU B 20 14.93 -2.08 8.76
N LYS B 21 15.77 -1.17 9.23
CA LYS B 21 16.11 0.01 8.44
C LYS B 21 17.48 0.52 8.85
N ALA B 22 18.22 1.06 7.89
CA ALA B 22 19.45 1.76 8.18
C ALA B 22 19.56 3.00 7.30
N LYS B 23 19.66 4.17 7.93
CA LYS B 23 19.62 5.41 7.16
C LYS B 23 21.01 5.80 6.70
N LYS B 24 21.10 6.85 5.90
CA LYS B 24 22.37 7.30 5.38
C LYS B 24 23.20 7.90 6.50
N PRO B 25 24.54 7.81 6.39
CA PRO B 25 25.42 8.40 7.39
C PRO B 25 25.46 9.91 7.27
N PHE B 26 25.60 10.58 8.42
CA PHE B 26 25.59 12.03 8.45
C PHE B 26 26.67 12.50 9.40
N THR B 27 26.98 13.79 9.35
CA THR B 27 28.01 14.34 10.20
C THR B 27 27.41 15.18 11.31
N PHE B 28 27.92 14.99 12.52
CA PHE B 28 27.58 15.88 13.62
C PHE B 28 28.86 16.35 14.29
N GLU B 29 28.94 17.67 14.51
CA GLU B 29 30.10 18.26 15.14
C GLU B 29 29.88 18.26 16.65
N THR B 30 30.80 17.65 17.38
CA THR B 30 30.64 17.58 18.84
C THR B 30 31.81 18.14 19.64
N GLN B 31 32.87 17.35 19.77
CA GLN B 31 34.04 17.73 20.54
C GLN B 31 35.29 17.41 19.75
N GLU B 32 35.45 16.13 19.50
CA GLU B 32 36.60 15.59 18.78
C GLU B 32 36.66 16.12 17.35
N GLY B 33 35.62 16.86 16.95
CA GLY B 33 35.51 17.34 15.58
C GLY B 33 34.47 16.55 14.83
N LYS B 34 34.44 16.70 13.51
CA LYS B 34 33.39 16.08 12.71
C LYS B 34 33.28 14.59 13.02
N GLN B 35 32.07 14.17 13.34
CA GLN B 35 31.81 12.82 13.76
C GLN B 35 31.03 12.11 12.68
N GLU B 36 31.20 10.79 12.59
CA GLU B 36 30.50 10.00 11.60
C GLU B 36 29.55 9.02 12.30
N MET B 37 28.38 8.80 11.71
CA MET B 37 27.38 7.89 12.27
C MET B 37 26.17 7.79 11.35
N PHE B 38 25.29 6.84 11.63
CA PHE B 38 23.96 6.84 11.03
C PHE B 38 22.95 6.22 11.98
N HIS B 39 21.69 6.22 11.58
CA HIS B 39 20.64 5.66 12.41
C HIS B 39 20.09 4.45 11.72
N ALA B 40 19.79 3.42 12.51
CA ALA B 40 19.18 2.20 11.99
C ALA B 40 18.14 1.69 12.97
N THR B 41 17.35 0.73 12.51
CA THR B 41 16.38 0.04 13.35
C THR B 41 16.51 -1.46 13.09
N VAL B 42 16.59 -2.25 14.16
CA VAL B 42 16.72 -3.71 14.06
C VAL B 42 15.73 -4.45 14.95
N ALA B 43 15.58 -5.75 14.73
CA ALA B 43 14.57 -6.54 15.42
C ALA B 43 15.02 -7.97 15.78
N THR B 44 14.39 -8.50 16.82
CA THR B 44 14.50 -9.90 17.19
C THR B 44 13.10 -10.48 17.06
N GLU B 45 12.94 -11.76 17.41
CA GLU B 45 11.64 -12.40 17.32
C GLU B 45 10.70 -11.74 18.32
N LYS B 46 11.28 -11.18 19.37
CA LYS B 46 10.52 -10.64 20.48
C LYS B 46 10.35 -9.13 20.40
N GLU B 47 11.46 -8.39 20.42
CA GLU B 47 11.38 -6.93 20.45
C GLU B 47 12.20 -6.26 19.35
N PHE B 48 12.12 -4.92 19.32
CA PHE B 48 12.91 -4.12 18.39
C PHE B 48 13.54 -2.91 19.10
N PHE B 49 14.66 -2.44 18.57
CA PHE B 49 15.39 -1.32 19.17
C PHE B 49 15.90 -0.38 18.12
N PHE B 50 16.11 0.88 18.50
CA PHE B 50 16.71 1.85 17.61
C PHE B 50 18.21 1.90 17.88
N VAL B 51 19.00 1.94 16.83
CA VAL B 51 20.44 1.81 16.99
C VAL B 51 21.18 3.08 16.65
N LYS B 52 22.25 3.33 17.38
CA LYS B 52 23.20 4.37 17.03
C LYS B 52 24.48 3.69 16.57
N VAL B 53 24.78 3.81 15.28
CA VAL B 53 25.96 3.18 14.70
C VAL B 53 26.99 4.23 14.33
N PHE B 54 28.11 4.26 15.07
CA PHE B 54 29.11 5.31 14.89
C PHE B 54 30.20 5.02 13.88
N ASN B 55 30.12 3.89 13.18
CA ASN B 55 31.00 3.65 12.05
C ASN B 55 30.30 3.73 10.71
N THR B 56 30.56 4.82 9.98
CA THR B 56 29.96 5.07 8.66
C THR B 56 30.16 3.87 7.73
N LEU B 57 31.23 3.13 7.97
CA LEU B 57 31.61 2.04 7.07
C LEU B 57 30.93 0.72 7.44
N LEU B 58 30.08 0.78 8.47
CA LEU B 58 29.33 -0.39 8.91
C LEU B 58 28.07 -0.59 8.08
N LYS B 59 27.84 0.34 7.14
CA LYS B 59 26.71 0.27 6.24
C LYS B 59 26.83 -0.95 5.32
N ASP B 60 27.96 -1.61 5.39
CA ASP B 60 28.15 -2.91 4.73
C ASP B 60 27.19 -3.89 5.40
N LYS B 61 27.18 -3.83 6.73
CA LYS B 61 26.38 -4.72 7.57
C LYS B 61 24.89 -4.37 7.60
N PHE B 62 24.57 -3.15 8.05
CA PHE B 62 23.17 -2.83 8.29
C PHE B 62 22.51 -2.58 6.96
N ILE B 63 21.60 -3.47 6.61
CA ILE B 63 20.86 -3.39 5.38
C ILE B 63 19.48 -3.92 5.73
N PRO B 64 18.43 -3.30 5.17
CA PRO B 64 17.09 -3.80 5.51
C PRO B 64 16.95 -5.30 5.20
N LYS B 65 16.21 -5.99 6.07
CA LYS B 65 15.93 -7.42 5.90
C LYS B 65 17.17 -8.30 6.08
N ARG B 66 18.33 -7.66 6.23
CA ARG B 66 19.54 -8.43 6.47
C ARG B 66 19.67 -8.84 7.92
N ILE B 67 20.19 -10.05 8.13
CA ILE B 67 20.45 -10.55 9.47
C ILE B 67 21.93 -10.41 9.80
N ILE B 68 22.22 -9.90 10.99
CA ILE B 68 23.59 -9.72 11.42
C ILE B 68 23.72 -10.16 12.86
N ILE B 69 24.85 -10.73 13.21
CA ILE B 69 25.08 -11.16 14.57
C ILE B 69 25.97 -10.16 15.24
N ILE B 70 25.42 -9.45 16.21
CA ILE B 70 26.10 -8.31 16.81
C ILE B 70 26.63 -8.62 18.21
N ALA B 71 27.93 -8.41 18.39
CA ALA B 71 28.58 -8.71 19.66
C ALA B 71 29.15 -7.47 20.33
N ARG B 72 29.10 -7.46 21.66
CA ARG B 72 29.69 -6.40 22.48
C ARG B 72 29.10 -5.02 22.21
N TYR B 73 27.83 -4.84 22.54
CA TYR B 73 27.13 -3.57 22.30
C TYR B 73 26.69 -2.91 23.60
N TYR B 74 26.50 -1.58 23.57
CA TYR B 74 26.24 -0.85 24.82
C TYR B 74 24.80 -0.79 25.42
N ARG B 75 23.76 -0.78 24.58
CA ARG B 75 22.37 -0.89 25.08
C ARG B 75 21.90 0.19 26.07
N HIS B 76 21.64 1.40 25.58
CA HIS B 76 21.23 2.52 26.43
C HIS B 76 19.75 2.52 26.79
N SER B 77 19.31 3.65 27.33
CA SER B 77 17.93 3.82 27.79
C SER B 77 16.87 3.34 26.79
N GLY B 78 16.70 4.09 25.71
CA GLY B 78 15.62 3.81 24.77
C GLY B 78 16.10 3.23 23.45
N PHE B 79 17.39 2.94 23.39
CA PHE B 79 18.01 2.49 22.15
C PHE B 79 19.28 1.74 22.47
N LEU B 80 19.97 1.27 21.43
CA LEU B 80 21.24 0.63 21.65
C LEU B 80 22.38 1.42 21.01
N GLU B 81 23.61 0.98 21.24
CA GLU B 81 24.78 1.61 20.64
C GLU B 81 25.78 0.59 20.11
N VAL B 82 26.09 0.68 18.83
CA VAL B 82 27.13 -0.12 18.20
C VAL B 82 28.34 0.76 17.93
N ASN B 83 29.43 0.51 18.65
CA ASN B 83 30.64 1.34 18.57
C ASN B 83 31.92 0.56 18.26
N SER B 84 33.06 1.24 18.35
CA SER B 84 34.35 0.66 17.97
C SER B 84 34.82 -0.50 18.87
N ALA B 85 34.67 -0.34 20.18
CA ALA B 85 35.01 -1.39 21.13
C ALA B 85 34.18 -2.65 20.88
N SER B 86 33.08 -2.46 20.16
CA SER B 86 32.19 -3.55 19.81
C SER B 86 32.75 -4.38 18.66
N ARG B 87 31.99 -5.39 18.26
CA ARG B 87 32.27 -6.15 17.05
C ARG B 87 30.97 -6.65 16.44
N VAL B 88 30.91 -6.66 15.12
CA VAL B 88 29.69 -7.01 14.39
C VAL B 88 30.06 -7.92 13.22
N LEU B 89 29.29 -8.99 13.03
CA LEU B 89 29.56 -9.91 11.94
C LEU B 89 28.31 -10.43 11.27
N ASP B 90 28.52 -11.07 10.12
CA ASP B 90 27.45 -11.71 9.38
C ASP B 90 27.05 -13.04 10.04
N ALA B 91 25.86 -13.52 9.69
CA ALA B 91 25.32 -14.77 10.21
C ALA B 91 25.15 -15.80 9.09
N GLU B 92 25.36 -17.07 9.43
CA GLU B 92 25.19 -18.16 8.47
C GLU B 92 23.71 -18.41 8.18
N SER B 93 23.42 -19.09 7.08
CA SER B 93 22.06 -19.44 6.72
C SER B 93 21.44 -20.18 7.91
N ASP B 94 22.32 -20.65 8.78
CA ASP B 94 21.96 -21.36 10.00
C ASP B 94 21.03 -20.58 10.95
N GLN B 95 21.17 -19.27 11.00
CA GLN B 95 20.48 -18.43 11.99
C GLN B 95 19.01 -18.19 11.65
N LYS B 96 18.17 -18.09 12.68
CA LYS B 96 16.73 -17.99 12.47
C LYS B 96 16.12 -16.61 12.78
N VAL B 97 15.90 -16.33 14.06
CA VAL B 97 15.36 -15.04 14.51
C VAL B 97 14.20 -14.46 13.68
N ASN B 98 13.00 -15.06 13.80
CA ASN B 98 11.82 -14.58 13.06
C ASN B 98 11.04 -13.44 13.71
N VAL B 99 10.96 -12.31 13.01
CA VAL B 99 10.25 -11.13 13.48
C VAL B 99 8.83 -11.11 12.93
N PRO B 100 7.84 -11.28 13.82
CA PRO B 100 6.45 -11.32 13.35
C PRO B 100 6.06 -9.94 12.83
N LEU B 101 5.11 -9.90 11.90
CA LEU B 101 4.75 -8.65 11.24
C LEU B 101 4.50 -7.51 12.22
N ASN B 102 3.68 -7.73 13.24
CA ASN B 102 3.32 -6.64 14.13
C ASN B 102 4.53 -5.94 14.77
N ILE B 103 5.61 -6.68 15.00
CA ILE B 103 6.86 -6.06 15.50
C ILE B 103 7.49 -5.22 14.40
N ILE B 104 7.60 -5.82 13.22
CA ILE B 104 8.10 -5.13 12.04
C ILE B 104 7.26 -3.89 11.76
N ARG B 105 5.95 -4.08 11.67
CA ARG B 105 5.01 -3.00 11.43
C ARG B 105 5.21 -1.88 12.45
N LYS B 106 5.14 -2.24 13.72
CA LYS B 106 5.26 -1.27 14.81
C LYS B 106 6.64 -0.62 14.84
N ALA B 107 7.64 -1.30 14.30
CA ALA B 107 8.99 -0.75 14.21
C ALA B 107 9.03 0.53 13.37
N GLY B 108 8.27 0.53 12.28
CA GLY B 108 8.37 1.58 11.28
C GLY B 108 7.36 2.71 11.37
N GLU B 109 6.28 2.48 12.10
CA GLU B 109 5.22 3.48 12.24
C GLU B 109 5.69 4.77 12.89
N THR B 110 5.09 5.88 12.48
CA THR B 110 5.27 7.16 13.17
C THR B 110 4.31 7.18 14.35
N PRO B 111 4.82 7.45 15.55
CA PRO B 111 3.96 7.39 16.74
C PRO B 111 2.80 8.37 16.63
N LYS B 112 1.68 8.07 17.27
CA LYS B 112 0.57 8.99 17.30
C LYS B 112 0.79 9.93 18.46
N ILE B 113 0.56 11.22 18.24
CA ILE B 113 0.79 12.22 19.28
C ILE B 113 0.15 11.83 20.61
N ASN B 114 -1.12 11.43 20.57
CA ASN B 114 -1.83 11.05 21.79
C ASN B 114 -1.17 9.87 22.50
N THR B 115 -0.54 9.00 21.72
CA THR B 115 0.23 7.89 22.26
C THR B 115 1.47 8.38 22.99
N LEU B 116 1.92 9.57 22.63
CA LEU B 116 3.14 10.14 23.21
C LEU B 116 2.89 10.72 24.59
N GLN B 117 1.74 11.35 24.77
CA GLN B 117 1.37 11.89 26.07
C GLN B 117 1.42 10.81 27.15
N THR B 118 1.24 9.56 26.75
CA THR B 118 1.25 8.44 27.68
C THR B 118 2.61 7.78 27.83
N GLN B 119 3.55 8.14 26.97
CA GLN B 119 4.87 7.52 26.97
C GLN B 119 5.81 8.16 27.98
N PRO B 120 6.75 7.37 28.52
CA PRO B 120 7.73 7.93 29.44
C PRO B 120 8.62 8.90 28.70
N LEU B 121 9.09 9.93 29.39
CA LEU B 121 10.09 10.82 28.81
C LEU B 121 11.38 10.04 28.61
N GLY B 122 12.22 10.47 27.69
CA GLY B 122 13.41 9.72 27.34
C GLY B 122 13.10 8.75 26.22
N THR B 123 11.81 8.46 26.04
CA THR B 123 11.38 7.66 24.92
C THR B 123 11.92 8.31 23.67
N ILE B 124 12.62 7.55 22.85
CA ILE B 124 13.14 8.07 21.59
C ILE B 124 12.02 8.11 20.55
N VAL B 125 11.85 9.27 19.92
CA VAL B 125 10.76 9.43 18.96
C VAL B 125 11.25 9.76 17.53
N ASN B 126 11.02 8.83 16.61
CA ASN B 126 11.24 9.07 15.20
C ASN B 126 9.90 9.13 14.47
N GLY B 127 9.79 9.95 13.43
CA GLY B 127 8.59 9.93 12.63
C GLY B 127 8.42 11.04 11.60
N LEU B 128 7.51 10.82 10.66
CA LEU B 128 7.18 11.82 9.66
C LEU B 128 5.95 12.56 10.14
N PHE B 129 6.08 13.87 10.31
CA PHE B 129 5.01 14.67 10.88
C PHE B 129 4.58 15.83 9.99
N VAL B 130 3.38 16.35 10.24
CA VAL B 130 2.86 17.50 9.51
C VAL B 130 3.05 18.79 10.31
N VAL B 131 3.66 19.79 9.69
CA VAL B 131 3.95 21.06 10.36
C VAL B 131 2.81 22.07 10.26
N GLN B 132 2.28 22.48 11.41
CA GLN B 132 1.18 23.43 11.48
C GLN B 132 1.69 24.87 11.53
N LYS B 133 2.44 25.18 12.58
CA LYS B 133 3.09 26.48 12.68
C LYS B 133 4.60 26.32 12.90
N VAL B 134 5.34 27.38 12.59
CA VAL B 134 6.77 27.41 12.90
C VAL B 134 7.23 28.82 13.27
N THR B 135 8.02 28.91 14.35
CA THR B 135 8.47 30.20 14.88
C THR B 135 9.98 30.21 15.10
N GLU B 136 10.70 31.03 14.34
CA GLU B 136 12.16 31.07 14.45
C GLU B 136 12.64 31.57 15.82
N LYS B 137 13.76 31.02 16.29
CA LYS B 137 14.41 31.55 17.49
C LYS B 137 15.85 31.90 17.14
N LYS B 138 16.62 32.34 18.12
CA LYS B 138 17.99 32.72 17.85
C LYS B 138 18.72 31.54 17.24
N LYS B 139 19.01 30.56 18.08
CA LYS B 139 19.68 29.34 17.64
C LYS B 139 18.72 28.18 17.37
N ASN B 140 17.44 28.41 17.63
CA ASN B 140 16.46 27.33 17.50
C ASN B 140 15.30 27.62 16.55
N ILE B 141 14.43 26.64 16.41
CA ILE B 141 13.19 26.80 15.67
C ILE B 141 12.08 26.02 16.40
N LEU B 142 10.92 26.63 16.54
CA LEU B 142 9.80 25.96 17.16
C LEU B 142 8.84 25.50 16.09
N PHE B 143 8.83 24.19 15.88
CA PHE B 143 7.88 23.58 14.97
C PHE B 143 6.69 23.14 15.81
N ASP B 144 5.50 23.57 15.42
CA ASP B 144 4.29 23.02 16.01
C ASP B 144 3.73 22.02 15.02
N LEU B 145 3.80 20.74 15.37
CA LEU B 145 3.34 19.67 14.50
C LEU B 145 2.06 19.08 15.06
N SER B 146 1.10 18.82 14.19
CA SER B 146 -0.14 18.20 14.64
C SER B 146 -0.76 17.31 13.58
N ASP B 147 -1.25 16.17 14.04
CA ASP B 147 -2.01 15.23 13.23
C ASP B 147 -3.38 15.08 13.86
N ASN B 148 -4.17 14.15 13.33
CA ASN B 148 -5.52 13.94 13.82
C ASN B 148 -5.65 13.81 15.35
N THR B 149 -4.78 13.02 15.97
CA THR B 149 -4.93 12.75 17.40
C THR B 149 -4.74 13.98 18.27
N GLY B 150 -4.02 14.97 17.75
CA GLY B 150 -3.77 16.19 18.49
C GLY B 150 -2.53 16.93 18.05
N LYS B 151 -2.00 17.75 18.95
CA LYS B 151 -0.83 18.55 18.63
C LYS B 151 0.25 18.46 19.69
N MET B 152 1.48 18.76 19.30
CA MET B 152 2.58 18.81 20.23
C MET B 152 3.60 19.75 19.63
N GLU B 153 4.70 19.97 20.34
CA GLU B 153 5.71 20.92 19.88
C GLU B 153 7.11 20.38 20.06
N VAL B 154 7.97 20.65 19.09
CA VAL B 154 9.36 20.23 19.18
C VAL B 154 10.31 21.39 18.90
N LEU B 155 11.41 21.42 19.63
CA LEU B 155 12.43 22.44 19.43
C LEU B 155 13.64 21.84 18.74
N GLY B 156 13.90 22.31 17.52
CA GLY B 156 14.96 21.74 16.72
C GLY B 156 16.18 22.63 16.60
N VAL B 157 16.93 22.43 15.52
CA VAL B 157 18.10 23.25 15.26
C VAL B 157 17.83 24.18 14.10
N ARG B 158 18.37 25.39 14.21
CA ARG B 158 18.13 26.42 13.20
C ARG B 158 19.25 26.42 12.18
N ASN B 159 18.93 26.02 10.94
CA ASN B 159 19.94 25.87 9.90
C ASN B 159 19.38 25.85 8.47
N GLU B 160 20.25 25.54 7.51
CA GLU B 160 19.93 25.71 6.09
C GLU B 160 18.56 25.18 5.67
N ASP B 161 18.38 23.87 5.73
CA ASP B 161 17.15 23.26 5.23
C ASP B 161 15.97 23.37 6.19
N THR B 162 16.24 23.37 7.49
CA THR B 162 15.16 23.52 8.45
C THR B 162 14.67 24.95 8.40
N MET B 163 15.35 25.77 7.63
CA MET B 163 14.92 27.15 7.43
C MET B 163 13.81 27.27 6.39
N LYS B 164 13.77 26.33 5.43
CA LYS B 164 12.79 26.38 4.35
C LYS B 164 11.42 25.87 4.77
N CYS B 165 11.33 25.32 5.98
CA CYS B 165 10.11 24.65 6.43
C CYS B 165 8.95 25.62 6.69
N LYS B 166 7.77 25.27 6.19
CA LYS B 166 6.59 26.13 6.27
C LYS B 166 5.31 25.30 6.47
N GLU B 167 4.22 25.96 6.87
CA GLU B 167 2.95 25.26 7.04
C GLU B 167 2.64 24.45 5.80
N GLY B 168 2.34 23.18 5.99
CA GLY B 168 2.05 22.30 4.87
C GLY B 168 3.22 21.39 4.54
N ASP B 169 4.42 21.76 4.99
CA ASP B 169 5.54 20.86 4.77
C ASP B 169 5.43 19.77 5.81
N LYS B 170 6.31 18.79 5.68
CA LYS B 170 6.41 17.74 6.67
C LYS B 170 7.85 17.74 7.13
N VAL B 171 8.10 17.13 8.27
CA VAL B 171 9.46 16.96 8.73
C VAL B 171 9.63 15.53 9.16
N ARG B 172 10.73 14.92 8.75
CA ARG B 172 11.09 13.62 9.26
C ARG B 172 12.04 13.80 10.44
N LEU B 173 11.57 13.43 11.63
CA LEU B 173 12.36 13.56 12.86
C LEU B 173 13.03 12.24 13.17
N THR B 174 14.29 12.26 13.57
CA THR B 174 15.00 11.05 13.95
C THR B 174 15.76 11.26 15.24
N PHE B 175 15.54 10.39 16.21
CA PHE B 175 16.25 10.41 17.48
C PHE B 175 16.03 11.65 18.33
N PHE B 176 14.83 12.19 18.26
CA PHE B 176 14.36 13.17 19.22
C PHE B 176 13.97 12.45 20.52
N THR B 177 13.88 13.21 21.61
CA THR B 177 13.50 12.63 22.90
C THR B 177 12.19 13.24 23.37
N LEU B 178 11.46 12.51 24.20
CA LEU B 178 10.20 13.03 24.69
C LEU B 178 10.51 13.79 25.97
N SER B 179 10.44 15.11 25.88
CA SER B 179 10.74 15.98 27.02
C SER B 179 9.47 16.46 27.71
N LYS B 180 8.32 16.10 27.13
CA LYS B 180 7.04 16.41 27.75
C LYS B 180 5.96 15.44 27.29
N ASN B 181 5.02 15.16 28.18
CA ASN B 181 3.84 14.39 27.80
C ASN B 181 2.58 15.01 28.39
N GLY B 182 1.45 14.35 28.21
CA GLY B 182 0.17 14.93 28.58
C GLY B 182 -0.21 15.93 27.51
N GLU B 183 -1.15 16.81 27.83
CA GLU B 183 -1.65 17.78 26.85
C GLU B 183 -0.51 18.55 26.20
N LYS B 184 -0.54 18.61 24.87
CA LYS B 184 0.49 19.29 24.09
C LYS B 184 1.90 18.84 24.48
N LEU B 185 2.20 17.57 24.24
CA LEU B 185 3.49 17.02 24.63
C LEU B 185 4.60 17.66 23.83
N GLN B 186 5.83 17.52 24.29
CA GLN B 186 6.94 18.15 23.60
C GLN B 186 8.15 17.25 23.40
N LEU B 187 8.81 17.39 22.26
CA LEU B 187 10.06 16.71 22.04
C LEU B 187 11.10 17.79 21.87
N THR B 188 12.36 17.47 22.11
CA THR B 188 13.42 18.41 21.81
C THR B 188 14.47 17.75 20.93
N SER B 189 15.44 18.54 20.49
CA SER B 189 16.51 18.07 19.62
C SER B 189 17.74 17.70 20.45
N GLY B 190 18.26 16.51 20.18
CA GLY B 190 19.42 16.03 20.88
C GLY B 190 20.68 16.19 20.06
N VAL B 191 21.77 15.66 20.58
CA VAL B 191 23.04 15.74 19.89
C VAL B 191 22.95 14.95 18.60
N HIS B 192 22.35 13.77 18.70
CA HIS B 192 22.31 12.84 17.59
C HIS B 192 21.02 12.86 16.78
N SER B 193 20.12 13.77 17.14
CA SER B 193 18.87 13.91 16.42
C SER B 193 19.12 14.44 15.03
N THR B 194 18.37 13.96 14.05
CA THR B 194 18.43 14.53 12.72
C THR B 194 17.01 14.82 12.28
N ILE B 195 16.86 15.88 11.49
CA ILE B 195 15.56 16.26 10.98
C ILE B 195 15.66 16.61 9.49
N LYS B 196 14.66 16.18 8.72
CA LYS B 196 14.64 16.43 7.28
C LYS B 196 13.31 17.09 6.89
N VAL B 197 13.40 18.17 6.13
CA VAL B 197 12.24 18.96 5.74
C VAL B 197 11.70 18.55 4.38
N ILE B 198 10.54 17.91 4.40
CA ILE B 198 9.91 17.46 3.18
C ILE B 198 8.90 18.50 2.75
N LYS B 199 9.21 19.19 1.65
CA LYS B 199 8.31 20.21 1.13
C LYS B 199 7.04 19.55 0.64
N ALA B 200 5.97 20.32 0.51
CA ALA B 200 4.65 19.78 0.21
C ALA B 200 4.34 19.76 -1.29
N LYS B 201 3.58 18.76 -1.72
CA LYS B 201 3.16 18.63 -3.13
C LYS B 201 4.33 18.90 -4.07
N GLU C 8 -7.33 3.56 41.72
CA GLU C 8 -7.20 2.13 41.45
C GLU C 8 -8.01 1.32 42.46
N GLY C 9 -9.10 1.91 42.92
CA GLY C 9 -10.04 1.28 43.84
C GLY C 9 -11.40 1.89 43.60
N PHE C 10 -12.41 1.53 44.39
CA PHE C 10 -13.76 2.02 44.15
C PHE C 10 -13.70 3.54 43.97
N GLN C 11 -14.25 4.02 42.87
CA GLN C 11 -14.18 5.44 42.54
C GLN C 11 -15.55 6.07 42.70
N LYS C 12 -15.69 6.91 43.71
CA LYS C 12 -16.93 7.66 43.92
C LYS C 12 -16.83 9.03 43.25
N ARG C 13 -17.46 9.16 42.09
CA ARG C 13 -17.38 10.39 41.31
C ARG C 13 -18.17 10.17 40.03
N CYS C 14 -18.25 11.21 39.22
CA CYS C 14 -18.86 11.09 37.90
C CYS C 14 -17.80 11.12 36.83
N LEU C 15 -18.02 10.39 35.74
CA LEU C 15 -17.29 10.64 34.50
C LEU C 15 -18.14 10.40 33.27
N PRO C 16 -18.00 11.28 32.26
CA PRO C 16 -18.59 11.06 30.94
C PRO C 16 -17.81 10.06 30.12
N VAL C 17 -18.50 9.25 29.33
CA VAL C 17 -17.85 8.30 28.43
C VAL C 17 -18.70 8.11 27.18
N MET C 18 -18.10 7.55 26.15
CA MET C 18 -18.86 7.10 25.00
C MET C 18 -18.83 5.57 24.94
N VAL C 19 -19.97 4.96 24.70
CA VAL C 19 -20.04 3.51 24.66
C VAL C 19 -19.57 2.98 23.29
N LEU C 20 -18.55 2.14 23.30
CA LEU C 20 -18.04 1.52 22.08
C LEU C 20 -18.78 0.24 21.60
N LYS C 21 -19.11 -0.65 22.54
CA LYS C 21 -19.92 -1.82 22.23
C LYS C 21 -20.56 -2.39 23.49
N ALA C 22 -21.64 -3.14 23.31
CA ALA C 22 -22.25 -3.87 24.42
C ALA C 22 -22.79 -5.21 23.92
N LYS C 23 -22.52 -6.28 24.65
CA LYS C 23 -22.96 -7.60 24.22
C LYS C 23 -24.27 -8.01 24.87
N LYS C 24 -24.81 -9.16 24.46
CA LYS C 24 -26.08 -9.63 24.98
C LYS C 24 -25.88 -10.12 26.39
N PRO C 25 -26.90 -9.91 27.25
CA PRO C 25 -26.83 -10.46 28.60
C PRO C 25 -26.90 -11.99 28.61
N PHE C 26 -26.77 -12.55 29.80
CA PHE C 26 -26.63 -13.99 29.97
C PHE C 26 -26.61 -14.20 31.46
N THR C 27 -26.74 -15.45 31.88
CA THR C 27 -26.79 -15.71 33.31
C THR C 27 -25.58 -16.54 33.74
N PHE C 28 -25.20 -16.42 35.01
CA PHE C 28 -24.09 -17.17 35.58
C PHE C 28 -24.41 -17.67 37.00
N GLU C 29 -23.59 -18.57 37.53
CA GLU C 29 -23.80 -19.05 38.90
C GLU C 29 -22.79 -18.53 39.94
N THR C 30 -23.06 -18.87 41.20
CA THR C 30 -22.23 -18.49 42.34
C THR C 30 -22.64 -19.27 43.58
N GLN C 31 -22.01 -18.97 44.72
CA GLN C 31 -22.36 -19.61 45.98
C GLN C 31 -23.81 -19.32 46.34
N GLU C 32 -24.31 -18.16 45.92
CA GLU C 32 -25.67 -17.73 46.22
C GLU C 32 -26.68 -18.02 45.11
N GLY C 33 -26.21 -18.65 44.03
CA GLY C 33 -27.10 -18.99 42.92
C GLY C 33 -27.05 -18.09 41.71
N LYS C 34 -28.06 -18.22 40.85
CA LYS C 34 -28.10 -17.58 39.52
C LYS C 34 -28.10 -16.05 39.50
N GLN C 35 -27.42 -15.47 38.51
CA GLN C 35 -27.42 -14.03 38.28
C GLN C 35 -27.19 -13.72 36.80
N GLU C 36 -27.64 -12.54 36.37
CA GLU C 36 -27.43 -12.12 34.98
C GLU C 36 -26.75 -10.75 34.88
N MET C 37 -25.99 -10.56 33.80
CA MET C 37 -25.25 -9.32 33.60
C MET C 37 -24.98 -9.16 32.13
N PHE C 38 -24.25 -8.12 31.78
CA PHE C 38 -23.68 -8.03 30.46
C PHE C 38 -22.36 -7.29 30.52
N HIS C 39 -21.51 -7.54 29.54
CA HIS C 39 -20.21 -6.89 29.45
C HIS C 39 -20.32 -5.71 28.50
N ALA C 40 -19.60 -4.64 28.79
CA ALA C 40 -19.61 -3.47 27.91
C ALA C 40 -18.23 -2.84 27.83
N THR C 41 -17.93 -2.25 26.67
CA THR C 41 -16.71 -1.46 26.48
C THR C 41 -17.10 0.00 26.37
N VAL C 42 -16.32 0.88 27.00
CA VAL C 42 -16.60 2.31 26.92
C VAL C 42 -15.29 3.08 26.81
N ALA C 43 -15.37 4.36 26.47
CA ALA C 43 -14.17 5.15 26.28
C ALA C 43 -14.34 6.63 26.58
N THR C 44 -13.25 7.28 26.96
CA THR C 44 -13.16 8.73 27.06
C THR C 44 -12.22 9.20 25.98
N GLU C 45 -11.97 10.51 25.92
CA GLU C 45 -11.01 11.03 24.97
C GLU C 45 -9.61 10.50 25.30
N LYS C 46 -9.35 10.28 26.59
CA LYS C 46 -8.03 9.81 27.04
C LYS C 46 -7.78 8.29 27.10
N GLU C 47 -8.83 7.46 27.11
CA GLU C 47 -8.63 6.00 27.21
C GLU C 47 -9.91 5.14 27.26
N PHE C 48 -9.73 3.82 27.26
CA PHE C 48 -10.86 2.87 27.32
C PHE C 48 -10.77 1.83 28.45
N PHE C 49 -11.93 1.27 28.80
CA PHE C 49 -12.05 0.32 29.91
C PHE C 49 -13.06 -0.76 29.62
N PHE C 50 -12.76 -1.98 30.03
CA PHE C 50 -13.74 -3.04 29.97
C PHE C 50 -14.66 -2.95 31.18
N VAL C 51 -15.93 -3.28 31.00
CA VAL C 51 -16.89 -3.07 32.08
C VAL C 51 -17.84 -4.24 32.25
N LYS C 52 -18.09 -4.61 33.49
CA LYS C 52 -19.14 -5.56 33.81
C LYS C 52 -20.35 -4.75 34.22
N VAL C 53 -21.48 -4.99 33.59
CA VAL C 53 -22.70 -4.32 33.98
C VAL C 53 -23.65 -5.31 34.63
N PHE C 54 -23.97 -5.06 35.90
CA PHE C 54 -24.73 -6.03 36.68
C PHE C 54 -26.24 -5.79 36.67
N ASN C 55 -26.67 -4.76 35.97
CA ASN C 55 -28.10 -4.54 35.83
C ASN C 55 -28.53 -4.68 34.37
N THR C 56 -29.23 -5.77 34.08
CA THR C 56 -29.56 -6.14 32.71
C THR C 56 -30.66 -5.27 32.09
N LEU C 57 -31.19 -4.36 32.89
CA LEU C 57 -32.08 -3.34 32.36
C LEU C 57 -31.25 -2.21 31.74
N LEU C 58 -30.05 -2.02 32.28
CA LEU C 58 -29.16 -0.96 31.79
C LEU C 58 -28.78 -1.19 30.34
N LYS C 59 -28.93 -2.41 29.86
CA LYS C 59 -28.59 -2.73 28.48
C LYS C 59 -29.18 -1.69 27.56
N ASP C 60 -30.41 -1.30 27.86
CA ASP C 60 -31.14 -0.31 27.08
C ASP C 60 -30.34 0.98 26.94
N LYS C 61 -29.64 1.34 27.99
CA LYS C 61 -28.89 2.59 28.01
C LYS C 61 -27.49 2.48 27.42
N PHE C 62 -27.02 1.26 27.20
CA PHE C 62 -25.71 1.10 26.56
C PHE C 62 -25.87 0.76 25.10
N ILE C 63 -25.62 1.75 24.27
CA ILE C 63 -25.83 1.63 22.84
C ILE C 63 -24.68 2.32 22.15
N PRO C 64 -24.15 1.71 21.09
CA PRO C 64 -22.98 2.24 20.39
C PRO C 64 -23.14 3.71 20.03
N LYS C 65 -22.06 4.48 20.17
CA LYS C 65 -22.04 5.92 19.90
C LYS C 65 -22.66 6.76 21.01
N ARG C 66 -23.44 6.13 21.89
CA ARG C 66 -24.11 6.84 22.96
C ARG C 66 -23.09 7.45 23.91
N ILE C 67 -23.39 8.64 24.41
CA ILE C 67 -22.56 9.23 25.45
C ILE C 67 -23.33 9.14 26.74
N ILE C 68 -22.73 8.48 27.73
CA ILE C 68 -23.40 8.30 29.00
C ILE C 68 -22.52 8.83 30.12
N ILE C 69 -23.13 9.13 31.26
CA ILE C 69 -22.38 9.63 32.40
C ILE C 69 -22.48 8.64 33.55
N ILE C 70 -21.33 8.33 34.15
CA ILE C 70 -21.24 7.22 35.08
C ILE C 70 -20.69 7.60 36.46
N ALA C 71 -21.43 7.24 37.51
CA ALA C 71 -21.07 7.63 38.87
C ALA C 71 -21.16 6.48 39.88
N ARG C 72 -20.32 6.54 40.91
CA ARG C 72 -20.33 5.57 42.00
C ARG C 72 -19.97 4.16 41.59
N TYR C 73 -18.94 4.02 40.74
CA TYR C 73 -18.50 2.70 40.29
C TYR C 73 -17.30 2.21 41.11
N TYR C 74 -16.90 0.96 40.91
CA TYR C 74 -15.88 0.36 41.78
C TYR C 74 -14.43 0.31 41.27
N ARG C 75 -14.21 0.74 40.04
CA ARG C 75 -12.86 1.00 39.52
C ARG C 75 -11.80 -0.09 39.83
N HIS C 76 -11.89 -1.23 39.18
CA HIS C 76 -11.05 -2.38 39.50
C HIS C 76 -9.71 -2.41 38.77
N SER C 77 -9.04 -3.54 38.87
CA SER C 77 -7.71 -3.71 38.28
C SER C 77 -7.67 -3.38 36.79
N GLY C 78 -8.26 -4.26 35.99
CA GLY C 78 -8.27 -4.09 34.55
C GLY C 78 -9.61 -3.70 33.96
N PHE C 79 -10.62 -3.55 34.80
CA PHE C 79 -11.98 -3.31 34.32
C PHE C 79 -12.82 -2.45 35.26
N LEU C 80 -14.12 -2.35 34.96
CA LEU C 80 -15.05 -1.56 35.76
C LEU C 80 -16.29 -2.33 36.20
N GLU C 81 -16.68 -2.16 37.46
CA GLU C 81 -17.83 -2.84 38.03
C GLU C 81 -19.07 -1.94 38.02
N VAL C 82 -20.13 -2.41 37.39
CA VAL C 82 -21.39 -1.68 37.35
C VAL C 82 -22.48 -2.45 38.09
N ASN C 83 -22.98 -1.86 39.17
CA ASN C 83 -23.95 -2.51 40.04
C ASN C 83 -24.94 -1.52 40.62
N SER C 84 -25.71 -1.98 41.60
CA SER C 84 -26.69 -1.14 42.28
C SER C 84 -26.10 0.17 42.81
N ALA C 85 -25.01 0.07 43.57
CA ALA C 85 -24.41 1.24 44.22
C ALA C 85 -24.15 2.39 43.23
N SER C 86 -23.90 2.04 41.97
CA SER C 86 -23.61 3.04 40.95
C SER C 86 -24.90 3.54 40.28
N ARG C 87 -24.75 4.51 39.39
CA ARG C 87 -25.90 5.08 38.68
C ARG C 87 -25.51 5.58 37.28
N VAL C 88 -26.40 5.43 36.32
CA VAL C 88 -26.12 5.76 34.91
C VAL C 88 -27.31 6.36 34.14
N LEU C 89 -27.07 7.48 33.45
CA LEU C 89 -28.05 8.01 32.48
C LEU C 89 -27.29 8.54 31.28
N ASP C 90 -28.00 8.99 30.25
CA ASP C 90 -27.33 9.43 29.04
C ASP C 90 -26.70 10.82 29.21
N ALA C 91 -26.00 11.27 28.18
CA ALA C 91 -25.34 12.57 28.21
C ALA C 91 -26.40 13.63 28.08
N GLU C 92 -26.09 14.84 28.55
CA GLU C 92 -27.02 15.94 28.41
C GLU C 92 -27.19 16.26 26.93
N SER C 93 -26.41 15.54 26.12
CA SER C 93 -26.38 15.71 24.66
C SER C 93 -25.53 16.94 24.34
N ASP C 94 -25.19 17.66 25.40
CA ASP C 94 -24.24 18.76 25.32
C ASP C 94 -22.83 18.21 25.48
N GLN C 95 -22.72 16.98 25.98
CA GLN C 95 -21.42 16.35 26.19
C GLN C 95 -20.85 15.81 24.90
N LYS C 96 -19.52 15.73 24.84
CA LYS C 96 -18.83 15.32 23.62
C LYS C 96 -18.20 13.94 23.76
N VAL C 97 -17.25 13.81 24.67
CA VAL C 97 -16.54 12.55 24.90
C VAL C 97 -16.15 11.93 23.56
N ASN C 98 -15.52 12.73 22.70
CA ASN C 98 -15.06 12.21 21.44
C ASN C 98 -13.80 11.38 21.67
N VAL C 99 -13.87 10.12 21.28
CA VAL C 99 -12.74 9.21 21.48
C VAL C 99 -11.88 9.24 20.22
N PRO C 100 -10.55 9.40 20.39
CA PRO C 100 -9.59 9.45 19.27
C PRO C 100 -9.57 8.17 18.45
N LEU C 101 -9.30 8.30 17.17
CA LEU C 101 -9.41 7.18 16.25
C LEU C 101 -8.72 5.90 16.72
N ASN C 102 -7.55 6.03 17.32
CA ASN C 102 -6.79 4.85 17.69
C ASN C 102 -7.25 4.15 18.98
N ILE C 103 -7.94 4.87 19.85
CA ILE C 103 -8.44 4.27 21.09
C ILE C 103 -9.67 3.40 20.84
N ILE C 104 -10.54 3.84 19.95
CA ILE C 104 -11.68 3.03 19.54
C ILE C 104 -11.24 1.72 18.92
N ARG C 105 -10.20 1.78 18.09
CA ARG C 105 -9.73 0.60 17.39
C ARG C 105 -9.12 -0.38 18.38
N LYS C 106 -8.21 0.11 19.20
CA LYS C 106 -7.59 -0.69 20.25
C LYS C 106 -8.66 -1.37 21.10
N ALA C 107 -9.61 -0.59 21.62
CA ALA C 107 -10.69 -1.14 22.42
C ALA C 107 -11.34 -2.34 21.74
N GLY C 108 -11.50 -2.26 20.43
CA GLY C 108 -12.15 -3.31 19.67
C GLY C 108 -11.23 -4.44 19.21
N GLU C 109 -9.95 -4.14 19.06
CA GLU C 109 -8.98 -5.11 18.54
C GLU C 109 -9.02 -6.43 19.30
N THR C 110 -8.80 -7.52 18.59
CA THR C 110 -8.41 -8.77 19.23
C THR C 110 -6.88 -8.75 19.16
N PRO C 111 -6.23 -8.81 20.31
CA PRO C 111 -4.78 -8.62 20.38
C PRO C 111 -4.02 -9.78 19.76
N LYS C 112 -2.82 -9.52 19.28
CA LYS C 112 -1.92 -10.57 18.83
C LYS C 112 -1.31 -11.20 20.08
N ILE C 113 -1.24 -12.53 20.12
CA ILE C 113 -0.82 -13.23 21.32
C ILE C 113 0.55 -12.77 21.78
N ASN C 114 1.40 -12.37 20.84
CA ASN C 114 2.72 -11.86 21.19
C ASN C 114 2.58 -10.55 21.97
N THR C 115 1.45 -9.88 21.80
CA THR C 115 1.10 -8.68 22.56
C THR C 115 1.02 -9.03 24.03
N LEU C 116 0.61 -10.26 24.31
CA LEU C 116 0.28 -10.72 25.66
C LEU C 116 1.49 -11.12 26.50
N GLN C 117 2.59 -11.51 25.86
CA GLN C 117 3.79 -11.88 26.60
C GLN C 117 4.12 -10.81 27.65
N THR C 118 3.85 -9.56 27.30
CA THR C 118 4.24 -8.43 28.14
C THR C 118 3.10 -7.93 29.03
N GLN C 119 1.93 -8.55 28.90
CA GLN C 119 0.78 -8.11 29.67
C GLN C 119 0.84 -8.66 31.08
N PRO C 120 0.71 -7.77 32.09
CA PRO C 120 0.69 -8.22 33.48
C PRO C 120 -0.58 -8.99 33.79
N LEU C 121 -0.58 -9.72 34.89
CA LEU C 121 -1.70 -10.57 35.25
C LEU C 121 -2.93 -9.75 35.59
N GLY C 122 -4.08 -10.40 35.60
CA GLY C 122 -5.32 -9.73 35.91
C GLY C 122 -5.83 -9.07 34.67
N THR C 123 -4.93 -8.90 33.71
CA THR C 123 -5.25 -8.28 32.43
C THR C 123 -6.41 -9.00 31.78
N ILE C 124 -7.44 -8.24 31.46
CA ILE C 124 -8.64 -8.81 30.88
C ILE C 124 -8.42 -9.05 29.41
N VAL C 125 -8.54 -10.31 29.00
CA VAL C 125 -8.41 -10.66 27.60
C VAL C 125 -9.74 -11.09 27.02
N ASN C 126 -10.16 -10.42 25.95
CA ASN C 126 -11.31 -10.82 25.17
C ASN C 126 -10.87 -10.88 23.71
N GLY C 127 -11.57 -11.65 22.89
CA GLY C 127 -11.27 -11.66 21.47
C GLY C 127 -11.60 -12.95 20.76
N LEU C 128 -11.39 -12.99 19.45
CA LEU C 128 -11.67 -14.16 18.65
C LEU C 128 -10.36 -14.85 18.29
N PHE C 129 -10.32 -16.17 18.46
CA PHE C 129 -9.09 -16.92 18.22
C PHE C 129 -9.37 -18.28 17.55
N VAL C 130 -8.47 -18.70 16.68
CA VAL C 130 -8.58 -19.99 16.04
C VAL C 130 -8.18 -21.08 17.03
N VAL C 131 -8.78 -22.25 16.90
CA VAL C 131 -8.47 -23.39 17.75
C VAL C 131 -7.62 -24.41 16.99
N GLN C 132 -6.43 -24.72 17.50
CA GLN C 132 -5.65 -25.81 16.90
C GLN C 132 -6.13 -27.13 17.45
N LYS C 133 -5.85 -27.39 18.72
CA LYS C 133 -6.32 -28.63 19.34
C LYS C 133 -7.10 -28.37 20.63
N VAL C 134 -7.91 -29.35 21.00
CA VAL C 134 -8.68 -29.25 22.22
C VAL C 134 -8.46 -30.48 23.08
N THR C 135 -8.31 -30.27 24.39
CA THR C 135 -8.05 -31.36 25.32
C THR C 135 -8.93 -31.26 26.58
N GLU C 136 -9.80 -32.25 26.77
CA GLU C 136 -10.76 -32.21 27.87
C GLU C 136 -10.04 -32.11 29.21
N LYS C 137 -10.69 -31.45 30.17
CA LYS C 137 -10.22 -31.43 31.55
C LYS C 137 -11.31 -32.10 32.39
N LYS C 138 -11.05 -32.26 33.68
CA LYS C 138 -12.02 -32.88 34.58
C LYS C 138 -13.21 -31.96 34.83
N LYS C 139 -12.93 -30.73 35.23
CA LYS C 139 -13.99 -29.76 35.50
C LYS C 139 -13.95 -28.61 34.49
N ASN C 140 -13.15 -28.79 33.44
CA ASN C 140 -13.02 -27.77 32.40
C ASN C 140 -12.63 -28.37 31.06
N ILE C 141 -12.08 -27.54 30.18
CA ILE C 141 -11.66 -27.98 28.86
C ILE C 141 -10.49 -27.11 28.46
N LEU C 142 -9.40 -27.74 28.02
CA LEU C 142 -8.19 -27.01 27.67
C LEU C 142 -8.13 -26.70 26.17
N PHE C 143 -8.03 -25.40 25.87
CA PHE C 143 -8.06 -24.92 24.49
C PHE C 143 -6.67 -24.50 24.02
N ASP C 144 -6.32 -24.90 22.80
CA ASP C 144 -5.09 -24.42 22.17
C ASP C 144 -5.47 -23.36 21.14
N LEU C 145 -5.15 -22.10 21.44
CA LEU C 145 -5.51 -20.99 20.57
C LEU C 145 -4.27 -20.38 19.91
N SER C 146 -4.43 -19.84 18.71
CA SER C 146 -3.28 -19.43 17.91
C SER C 146 -3.51 -18.25 16.97
N ASP C 147 -2.40 -17.61 16.60
CA ASP C 147 -2.37 -16.62 15.52
C ASP C 147 -0.99 -16.63 14.90
N ASN C 148 -0.75 -15.77 13.92
CA ASN C 148 0.54 -15.77 13.22
C ASN C 148 1.71 -15.37 14.12
N THR C 149 1.43 -14.73 15.24
CA THR C 149 2.48 -14.33 16.15
C THR C 149 2.69 -15.29 17.32
N GLY C 150 1.86 -16.33 17.41
CA GLY C 150 2.04 -17.31 18.47
C GLY C 150 0.83 -18.12 18.90
N LYS C 151 0.96 -18.74 20.08
CA LYS C 151 -0.07 -19.63 20.60
C LYS C 151 -0.25 -19.42 22.09
N MET C 152 -1.45 -19.68 22.59
CA MET C 152 -1.74 -19.56 24.01
C MET C 152 -2.80 -20.55 24.42
N GLU C 153 -2.77 -20.95 25.69
CA GLU C 153 -3.75 -21.87 26.23
C GLU C 153 -4.67 -21.13 27.18
N VAL C 154 -5.94 -21.50 27.15
CA VAL C 154 -6.90 -20.99 28.10
C VAL C 154 -7.76 -22.17 28.55
N LEU C 155 -8.02 -22.27 29.85
CA LEU C 155 -8.85 -23.35 30.33
C LEU C 155 -10.31 -22.89 30.37
N GLY C 156 -11.10 -23.40 29.44
CA GLY C 156 -12.51 -23.08 29.38
C GLY C 156 -13.33 -24.13 30.08
N VAL C 157 -14.49 -23.75 30.59
CA VAL C 157 -15.28 -24.66 31.39
C VAL C 157 -15.90 -25.72 30.51
N ARG C 158 -16.58 -26.66 31.16
CA ARG C 158 -17.11 -27.87 30.52
C ARG C 158 -18.61 -27.69 30.35
N ASN C 159 -19.08 -27.49 29.12
CA ASN C 159 -20.51 -27.26 28.87
C ASN C 159 -21.04 -27.79 27.54
N GLU C 160 -22.35 -27.64 27.33
CA GLU C 160 -23.02 -28.19 26.16
C GLU C 160 -22.37 -27.73 24.88
N ASP C 161 -22.12 -26.43 24.81
CA ASP C 161 -21.59 -25.79 23.62
C ASP C 161 -20.07 -25.93 23.45
N THR C 162 -19.33 -25.90 24.55
CA THR C 162 -17.87 -26.07 24.47
C THR C 162 -17.50 -27.45 23.93
N MET C 163 -18.25 -28.47 24.32
CA MET C 163 -17.99 -29.84 23.86
C MET C 163 -18.21 -30.01 22.35
N LYS C 164 -18.76 -28.98 21.71
CA LYS C 164 -19.03 -29.01 20.27
C LYS C 164 -17.88 -28.41 19.47
N CYS C 165 -16.80 -28.06 20.17
CA CYS C 165 -15.67 -27.38 19.55
C CYS C 165 -14.61 -28.34 19.00
N LYS C 166 -14.21 -28.11 17.75
CA LYS C 166 -13.27 -29.02 17.11
C LYS C 166 -12.06 -28.25 16.56
N GLU C 167 -10.98 -28.98 16.31
CA GLU C 167 -9.78 -28.37 15.79
C GLU C 167 -10.11 -27.54 14.56
N GLY C 168 -9.67 -26.30 14.55
CA GLY C 168 -9.88 -25.43 13.42
C GLY C 168 -11.00 -24.43 13.65
N ASP C 169 -11.88 -24.73 14.60
CA ASP C 169 -12.95 -23.81 14.95
C ASP C 169 -12.37 -22.63 15.70
N LYS C 170 -13.12 -21.54 15.76
CA LYS C 170 -12.69 -20.36 16.51
C LYS C 170 -13.54 -20.23 17.76
N VAL C 171 -12.98 -19.61 18.78
CA VAL C 171 -13.76 -19.28 19.96
C VAL C 171 -13.74 -17.78 20.24
N ARG C 172 -14.87 -17.26 20.69
CA ARG C 172 -14.92 -15.87 21.12
C ARG C 172 -14.87 -15.86 22.64
N LEU C 173 -13.75 -15.37 23.18
CA LEU C 173 -13.60 -15.23 24.62
C LEU C 173 -14.00 -13.83 25.03
N THR C 174 -14.64 -13.71 26.18
CA THR C 174 -14.99 -12.40 26.69
C THR C 174 -14.80 -12.39 28.19
N PHE C 175 -14.10 -11.36 28.66
CA PHE C 175 -13.76 -11.23 30.07
C PHE C 175 -13.01 -12.43 30.65
N PHE C 176 -12.14 -13.03 29.84
CA PHE C 176 -11.18 -13.97 30.38
C PHE C 176 -10.04 -13.14 30.95
N THR C 177 -9.35 -13.70 31.95
CA THR C 177 -8.28 -12.98 32.59
C THR C 177 -6.94 -13.54 32.19
N LEU C 178 -5.98 -12.67 31.92
CA LEU C 178 -4.63 -13.12 31.64
C LEU C 178 -3.96 -13.43 32.97
N SER C 179 -3.60 -14.70 33.15
CA SER C 179 -2.98 -15.16 34.39
C SER C 179 -1.51 -15.54 34.19
N LYS C 180 -1.25 -16.54 33.35
CA LYS C 180 0.13 -16.92 33.04
C LYS C 180 0.79 -15.90 32.11
N ASN C 181 2.12 -15.85 32.14
CA ASN C 181 2.87 -14.81 31.44
C ASN C 181 4.12 -15.35 30.73
N GLY C 182 4.92 -14.42 30.19
CA GLY C 182 6.18 -14.78 29.56
C GLY C 182 6.02 -15.90 28.54
N GLU C 183 6.92 -16.88 28.61
CA GLU C 183 6.82 -18.05 27.74
C GLU C 183 5.62 -18.89 28.19
N LYS C 184 5.00 -19.59 27.24
CA LYS C 184 3.79 -20.40 27.51
C LYS C 184 2.78 -19.69 28.41
N LEU C 185 2.17 -18.62 27.88
CA LEU C 185 1.21 -17.81 28.62
C LEU C 185 -0.20 -18.41 28.68
N GLN C 186 -0.95 -18.06 29.71
CA GLN C 186 -2.28 -18.63 29.91
C GLN C 186 -3.33 -17.60 30.35
N LEU C 187 -4.55 -17.78 29.84
CA LEU C 187 -5.71 -17.03 30.31
C LEU C 187 -6.64 -18.03 30.98
N THR C 188 -7.48 -17.58 31.88
CA THR C 188 -8.37 -18.49 32.57
C THR C 188 -9.82 -18.01 32.67
N SER C 189 -10.74 -18.94 32.48
CA SER C 189 -12.16 -18.65 32.55
C SER C 189 -12.52 -18.41 34.00
N GLY C 190 -13.76 -18.03 34.25
CA GLY C 190 -14.18 -17.67 35.59
C GLY C 190 -15.65 -17.33 35.67
N VAL C 191 -16.07 -16.81 36.82
CA VAL C 191 -17.47 -16.52 37.08
C VAL C 191 -18.11 -15.68 35.98
N HIS C 192 -17.49 -14.55 35.67
CA HIS C 192 -18.08 -13.59 34.75
C HIS C 192 -17.55 -13.73 33.34
N SER C 193 -16.60 -14.65 33.14
CA SER C 193 -16.06 -14.90 31.82
C SER C 193 -17.09 -15.60 30.96
N THR C 194 -16.92 -15.54 29.64
CA THR C 194 -17.81 -16.25 28.72
C THR C 194 -17.06 -16.70 27.48
N ILE C 195 -17.42 -17.88 26.96
CA ILE C 195 -16.80 -18.37 25.73
C ILE C 195 -17.81 -18.93 24.73
N LYS C 196 -17.67 -18.53 23.47
CA LYS C 196 -18.54 -18.99 22.41
C LYS C 196 -17.75 -19.66 21.31
N VAL C 197 -18.21 -20.82 20.88
CA VAL C 197 -17.60 -21.49 19.74
C VAL C 197 -18.21 -20.91 18.47
N ILE C 198 -17.36 -20.67 17.48
CA ILE C 198 -17.81 -20.18 16.20
C ILE C 198 -17.56 -21.26 15.14
N LYS C 199 -18.63 -21.75 14.55
CA LYS C 199 -18.59 -22.82 13.56
C LYS C 199 -17.66 -22.49 12.40
N ALA C 200 -16.98 -23.50 11.85
CA ALA C 200 -16.03 -23.27 10.76
C ALA C 200 -16.55 -23.80 9.43
N LYS C 201 -16.19 -23.12 8.34
CA LYS C 201 -16.57 -23.55 7.00
C LYS C 201 -18.08 -23.46 6.76
N GLY D 9 -21.71 -13.58 -33.38
CA GLY D 9 -22.00 -13.26 -31.99
C GLY D 9 -20.87 -13.62 -31.04
N PHE D 10 -21.12 -14.62 -30.20
CA PHE D 10 -20.22 -14.96 -29.09
C PHE D 10 -19.14 -15.99 -29.43
N GLN D 11 -18.47 -16.49 -28.39
CA GLN D 11 -17.48 -17.56 -28.53
C GLN D 11 -17.79 -18.72 -27.57
N LYS D 12 -17.95 -19.92 -28.13
CA LYS D 12 -18.40 -21.10 -27.38
C LYS D 12 -17.34 -21.85 -26.55
N ARG D 13 -16.12 -21.97 -27.09
CA ARG D 13 -15.07 -22.75 -26.45
C ARG D 13 -14.80 -22.33 -25.00
N CYS D 14 -14.59 -23.31 -24.13
CA CYS D 14 -14.38 -23.08 -22.70
C CYS D 14 -13.25 -22.09 -22.44
N LEU D 15 -13.38 -21.31 -21.37
CA LEU D 15 -12.39 -20.29 -21.07
C LEU D 15 -11.92 -20.30 -19.62
N PRO D 16 -10.85 -21.06 -19.35
CA PRO D 16 -10.23 -21.06 -18.02
C PRO D 16 -9.70 -19.67 -17.68
N VAL D 17 -10.07 -19.17 -16.50
CA VAL D 17 -9.65 -17.84 -16.07
C VAL D 17 -9.60 -17.74 -14.55
N MET D 18 -8.92 -16.72 -14.05
CA MET D 18 -8.97 -16.40 -12.63
C MET D 18 -9.97 -15.27 -12.40
N VAL D 19 -10.68 -15.33 -11.27
CA VAL D 19 -11.55 -14.23 -10.86
C VAL D 19 -10.72 -13.14 -10.21
N LEU D 20 -10.77 -11.94 -10.78
CA LEU D 20 -10.01 -10.81 -10.26
C LEU D 20 -10.84 -10.04 -9.23
N LYS D 21 -11.98 -9.52 -9.64
CA LYS D 21 -12.91 -8.89 -8.71
C LYS D 21 -14.37 -9.14 -9.12
N ALA D 22 -15.27 -9.03 -8.15
CA ALA D 22 -16.68 -9.24 -8.41
C ALA D 22 -17.51 -8.29 -7.54
N LYS D 23 -18.52 -7.67 -8.13
CA LYS D 23 -19.31 -6.68 -7.39
C LYS D 23 -20.66 -7.24 -6.94
N LYS D 24 -21.39 -6.42 -6.20
CA LYS D 24 -22.68 -6.83 -5.66
C LYS D 24 -23.77 -6.62 -6.68
N PRO D 25 -24.59 -7.66 -6.91
CA PRO D 25 -25.66 -7.63 -7.90
C PRO D 25 -26.65 -6.50 -7.65
N PHE D 26 -27.15 -5.91 -8.73
CA PHE D 26 -28.10 -4.81 -8.63
C PHE D 26 -29.25 -5.04 -9.59
N THR D 27 -30.32 -4.28 -9.41
CA THR D 27 -31.47 -4.43 -10.29
C THR D 27 -31.52 -3.25 -11.25
N PHE D 28 -32.05 -3.52 -12.44
CA PHE D 28 -32.27 -2.48 -13.42
C PHE D 28 -33.60 -2.81 -14.09
N GLU D 29 -34.43 -1.81 -14.30
CA GLU D 29 -35.68 -2.00 -15.01
C GLU D 29 -35.36 -2.02 -16.50
N THR D 30 -36.07 -2.84 -17.26
CA THR D 30 -35.91 -2.81 -18.70
C THR D 30 -37.24 -2.57 -19.43
N GLN D 31 -37.99 -3.66 -19.61
CA GLN D 31 -39.37 -3.58 -20.06
C GLN D 31 -40.15 -4.55 -19.21
N GLU D 32 -39.79 -5.83 -19.37
CA GLU D 32 -40.44 -6.92 -18.67
C GLU D 32 -40.46 -6.66 -17.18
N GLY D 33 -39.50 -5.90 -16.68
CA GLY D 33 -39.51 -5.49 -15.28
C GLY D 33 -38.13 -5.39 -14.69
N LYS D 34 -38.07 -5.34 -13.36
CA LYS D 34 -36.79 -5.34 -12.66
C LYS D 34 -36.08 -6.63 -12.99
N GLN D 35 -34.87 -6.51 -13.52
CA GLN D 35 -34.05 -7.68 -13.76
C GLN D 35 -32.73 -7.42 -13.10
N GLU D 36 -32.15 -8.44 -12.49
CA GLU D 36 -30.92 -8.25 -11.75
C GLU D 36 -29.73 -8.96 -12.35
N MET D 37 -28.59 -8.26 -12.33
CA MET D 37 -27.33 -8.79 -12.85
C MET D 37 -26.20 -8.40 -11.91
N PHE D 38 -24.97 -8.67 -12.33
CA PHE D 38 -23.80 -8.19 -11.61
C PHE D 38 -22.60 -8.12 -12.53
N HIS D 39 -21.60 -7.34 -12.14
CA HIS D 39 -20.41 -7.13 -12.95
C HIS D 39 -19.24 -7.91 -12.35
N ALA D 40 -18.33 -8.37 -13.22
CA ALA D 40 -17.10 -8.98 -12.74
C ALA D 40 -15.90 -8.74 -13.65
N THR D 41 -14.69 -8.96 -13.13
CA THR D 41 -13.47 -8.90 -13.92
C THR D 41 -12.80 -10.27 -13.90
N VAL D 42 -12.48 -10.79 -15.07
CA VAL D 42 -11.80 -12.07 -15.18
C VAL D 42 -10.56 -11.93 -16.05
N ALA D 43 -9.61 -12.84 -15.91
CA ALA D 43 -8.39 -12.76 -16.71
C ALA D 43 -7.77 -14.13 -17.00
N THR D 44 -7.24 -14.27 -18.22
CA THR D 44 -6.36 -15.38 -18.55
C THR D 44 -4.95 -14.90 -18.23
N GLU D 45 -3.95 -15.64 -18.69
CA GLU D 45 -2.58 -15.18 -18.57
C GLU D 45 -2.33 -14.10 -19.61
N LYS D 46 -3.01 -14.19 -20.75
CA LYS D 46 -2.83 -13.23 -21.83
C LYS D 46 -3.58 -11.90 -21.65
N GLU D 47 -4.81 -11.94 -21.15
CA GLU D 47 -5.58 -10.70 -21.01
C GLU D 47 -6.66 -10.74 -19.92
N PHE D 48 -7.19 -9.57 -19.57
CA PHE D 48 -8.27 -9.47 -18.60
C PHE D 48 -9.58 -8.99 -19.24
N PHE D 49 -10.71 -9.32 -18.61
CA PHE D 49 -12.02 -9.07 -19.19
C PHE D 49 -12.99 -8.42 -18.22
N PHE D 50 -13.89 -7.61 -18.75
CA PHE D 50 -15.00 -7.07 -17.99
C PHE D 50 -16.21 -7.91 -18.32
N VAL D 51 -16.95 -8.32 -17.31
CA VAL D 51 -18.06 -9.23 -17.56
C VAL D 51 -19.37 -8.76 -16.98
N LYS D 52 -20.40 -8.75 -17.83
CA LYS D 52 -21.76 -8.63 -17.37
C LYS D 52 -22.19 -10.03 -17.02
N VAL D 53 -22.92 -10.19 -15.92
CA VAL D 53 -23.45 -11.49 -15.60
C VAL D 53 -24.91 -11.31 -15.26
N PHE D 54 -25.76 -11.90 -16.10
CA PHE D 54 -27.19 -11.70 -15.97
C PHE D 54 -27.84 -12.79 -15.13
N ASN D 55 -27.05 -13.80 -14.77
CA ASN D 55 -27.54 -14.77 -13.81
C ASN D 55 -26.96 -14.49 -12.44
N THR D 56 -27.81 -13.91 -11.59
CA THR D 56 -27.39 -13.38 -10.30
C THR D 56 -27.15 -14.50 -9.31
N LEU D 57 -27.46 -15.72 -9.72
CA LEU D 57 -27.22 -16.90 -8.92
C LEU D 57 -25.76 -17.30 -9.07
N LEU D 58 -25.14 -16.82 -10.15
CA LEU D 58 -23.76 -17.16 -10.46
C LEU D 58 -22.78 -16.46 -9.54
N LYS D 59 -23.24 -15.39 -8.91
CA LYS D 59 -22.38 -14.53 -8.11
C LYS D 59 -21.54 -15.31 -7.09
N ASP D 60 -22.08 -16.40 -6.60
CA ASP D 60 -21.45 -17.14 -5.52
C ASP D 60 -20.24 -17.96 -5.98
N LYS D 61 -20.20 -18.29 -7.27
CA LYS D 61 -19.06 -18.98 -7.86
C LYS D 61 -17.93 -18.00 -8.18
N PHE D 62 -18.27 -16.72 -8.29
CA PHE D 62 -17.28 -15.70 -8.64
C PHE D 62 -16.70 -15.13 -7.37
N ILE D 63 -15.47 -15.50 -7.08
CA ILE D 63 -14.81 -15.00 -5.88
C ILE D 63 -13.40 -14.64 -6.24
N PRO D 64 -12.91 -13.50 -5.73
CA PRO D 64 -11.56 -13.08 -6.09
C PRO D 64 -10.51 -14.14 -5.76
N LYS D 65 -9.47 -14.21 -6.59
CA LYS D 65 -8.40 -15.20 -6.48
C LYS D 65 -8.83 -16.61 -6.89
N ARG D 66 -10.12 -16.77 -7.15
CA ARG D 66 -10.67 -18.08 -7.53
C ARG D 66 -10.48 -18.36 -9.02
N ILE D 67 -10.30 -19.63 -9.36
CA ILE D 67 -10.16 -20.07 -10.74
C ILE D 67 -11.41 -20.81 -11.20
N ILE D 68 -11.97 -20.36 -12.32
CA ILE D 68 -13.20 -20.92 -12.83
C ILE D 68 -13.10 -21.12 -14.32
N ILE D 69 -14.06 -21.86 -14.89
CA ILE D 69 -14.08 -22.10 -16.32
C ILE D 69 -15.37 -21.59 -16.93
N ILE D 70 -15.25 -20.67 -17.88
CA ILE D 70 -16.41 -20.08 -18.52
C ILE D 70 -16.65 -20.72 -19.87
N ALA D 71 -17.92 -20.86 -20.24
CA ALA D 71 -18.28 -21.46 -21.51
C ALA D 71 -19.65 -20.95 -21.97
N ARG D 72 -19.91 -21.04 -23.27
CA ARG D 72 -21.18 -20.58 -23.84
C ARG D 72 -21.42 -19.11 -23.49
N TYR D 73 -20.33 -18.34 -23.41
CA TYR D 73 -20.39 -16.93 -23.03
C TYR D 73 -20.36 -16.02 -24.26
N TYR D 74 -20.46 -14.71 -24.06
CA TYR D 74 -20.48 -13.77 -25.18
C TYR D 74 -19.27 -12.82 -25.20
N ARG D 75 -18.89 -12.40 -26.41
CA ARG D 75 -17.76 -11.50 -26.60
C ARG D 75 -18.14 -10.31 -27.48
N HIS D 76 -18.19 -9.12 -26.89
CA HIS D 76 -18.52 -7.89 -27.63
C HIS D 76 -17.29 -7.03 -27.84
N SER D 77 -17.48 -5.85 -28.42
CA SER D 77 -16.36 -4.97 -28.74
C SER D 77 -15.37 -4.84 -27.58
N GLY D 78 -15.82 -4.28 -26.46
CA GLY D 78 -14.96 -4.06 -25.32
C GLY D 78 -15.12 -4.93 -24.08
N PHE D 79 -16.05 -5.88 -24.11
CA PHE D 79 -16.38 -6.60 -22.88
C PHE D 79 -17.00 -7.98 -23.08
N LEU D 80 -17.01 -8.76 -22.00
CA LEU D 80 -17.63 -10.08 -21.99
C LEU D 80 -19.01 -10.08 -21.34
N GLU D 81 -19.88 -10.95 -21.83
CA GLU D 81 -21.24 -11.05 -21.30
C GLU D 81 -21.64 -12.48 -20.89
N VAL D 82 -22.15 -12.62 -19.67
CA VAL D 82 -22.57 -13.91 -19.16
C VAL D 82 -24.04 -13.94 -18.74
N ASN D 83 -24.78 -14.90 -19.29
CA ASN D 83 -26.16 -15.18 -18.88
C ASN D 83 -26.38 -16.69 -18.69
N SER D 84 -27.63 -17.09 -18.46
CA SER D 84 -27.93 -18.50 -18.17
C SER D 84 -27.55 -19.48 -19.28
N ALA D 85 -27.30 -18.96 -20.48
CA ALA D 85 -26.93 -19.80 -21.62
C ALA D 85 -25.50 -20.28 -21.48
N SER D 86 -24.79 -19.75 -20.49
CA SER D 86 -23.38 -20.03 -20.32
C SER D 86 -23.11 -20.98 -19.16
N ARG D 87 -22.05 -21.76 -19.29
CA ARG D 87 -21.68 -22.75 -18.29
C ARG D 87 -20.44 -22.29 -17.52
N VAL D 88 -20.56 -22.25 -16.19
CA VAL D 88 -19.47 -21.80 -15.31
C VAL D 88 -19.25 -22.81 -14.18
N LEU D 89 -17.99 -23.03 -13.83
CA LEU D 89 -17.67 -23.93 -12.71
C LEU D 89 -16.36 -23.53 -12.05
N ASP D 90 -16.14 -24.03 -10.85
CA ASP D 90 -14.86 -23.84 -10.16
C ASP D 90 -13.76 -24.64 -10.87
N ALA D 91 -12.51 -24.27 -10.63
CA ALA D 91 -11.40 -25.00 -11.21
C ALA D 91 -10.71 -25.88 -10.18
N GLU D 92 -10.31 -27.06 -10.63
CA GLU D 92 -9.66 -28.05 -9.80
C GLU D 92 -8.29 -27.57 -9.34
N SER D 93 -7.74 -28.22 -8.32
CA SER D 93 -6.36 -27.96 -7.90
C SER D 93 -5.49 -28.23 -9.12
N ASP D 94 -6.11 -28.85 -10.13
CA ASP D 94 -5.45 -29.16 -11.39
C ASP D 94 -5.13 -27.92 -12.22
N GLN D 95 -6.13 -27.06 -12.46
CA GLN D 95 -5.95 -25.91 -13.36
C GLN D 95 -5.25 -24.73 -12.67
N LYS D 96 -4.37 -24.06 -13.43
CA LYS D 96 -3.45 -23.08 -12.88
C LYS D 96 -3.87 -21.62 -13.11
N VAL D 97 -3.90 -21.20 -14.36
CA VAL D 97 -4.10 -19.79 -14.73
C VAL D 97 -3.34 -18.81 -13.84
N ASN D 98 -2.01 -18.79 -13.95
CA ASN D 98 -1.24 -17.84 -13.19
C ASN D 98 -1.21 -16.53 -13.96
N VAL D 99 -1.83 -15.50 -13.38
CA VAL D 99 -2.07 -14.26 -14.09
C VAL D 99 -0.88 -13.33 -13.90
N PRO D 100 -0.33 -12.81 -15.03
CA PRO D 100 0.82 -11.91 -14.94
C PRO D 100 0.51 -10.76 -14.01
N LEU D 101 1.49 -10.38 -13.20
CA LEU D 101 1.30 -9.35 -12.19
C LEU D 101 0.74 -8.05 -12.77
N ASN D 102 1.19 -7.69 -13.96
CA ASN D 102 0.76 -6.41 -14.53
C ASN D 102 -0.60 -6.44 -15.22
N ILE D 103 -1.09 -7.63 -15.56
CA ILE D 103 -2.45 -7.76 -16.09
C ILE D 103 -3.47 -7.59 -14.96
N ILE D 104 -3.10 -8.06 -13.78
CA ILE D 104 -3.94 -7.91 -12.60
C ILE D 104 -4.06 -6.45 -12.19
N ARG D 105 -2.97 -5.71 -12.37
CA ARG D 105 -2.94 -4.30 -11.99
C ARG D 105 -3.80 -3.45 -12.89
N LYS D 106 -3.61 -3.57 -14.19
CA LYS D 106 -4.36 -2.75 -15.13
C LYS D 106 -5.84 -3.07 -15.04
N ALA D 107 -6.16 -4.35 -14.90
CA ALA D 107 -7.55 -4.78 -14.78
C ALA D 107 -8.24 -3.98 -13.71
N GLY D 108 -7.50 -3.67 -12.65
CA GLY D 108 -8.05 -2.95 -11.52
C GLY D 108 -7.77 -1.46 -11.51
N GLU D 109 -6.81 -1.01 -12.32
CA GLU D 109 -6.48 0.40 -12.41
C GLU D 109 -7.70 1.21 -12.74
N THR D 110 -7.79 2.40 -12.17
CA THR D 110 -8.65 3.45 -12.70
C THR D 110 -7.78 4.21 -13.68
N PRO D 111 -8.23 4.30 -14.93
CA PRO D 111 -7.37 4.93 -15.94
C PRO D 111 -7.18 6.44 -15.74
N LYS D 112 -6.03 6.92 -16.17
CA LYS D 112 -5.78 8.36 -16.26
C LYS D 112 -6.52 8.84 -17.50
N ILE D 113 -7.27 9.93 -17.35
CA ILE D 113 -8.19 10.35 -18.40
C ILE D 113 -7.47 10.64 -19.73
N ASN D 114 -6.21 11.06 -19.66
CA ASN D 114 -5.43 11.23 -20.89
C ASN D 114 -5.23 9.90 -21.62
N THR D 115 -5.35 8.80 -20.88
CA THR D 115 -5.29 7.48 -21.46
C THR D 115 -6.48 7.27 -22.37
N LEU D 116 -7.58 7.91 -22.01
CA LEU D 116 -8.88 7.64 -22.62
C LEU D 116 -9.03 8.27 -24.00
N GLN D 117 -8.44 9.44 -24.18
CA GLN D 117 -8.59 10.21 -25.41
C GLN D 117 -8.37 9.35 -26.67
N THR D 118 -7.51 8.35 -26.55
CA THR D 118 -7.16 7.50 -27.69
C THR D 118 -7.93 6.17 -27.77
N GLN D 119 -8.78 5.91 -26.78
CA GLN D 119 -9.53 4.65 -26.76
C GLN D 119 -10.67 4.65 -27.79
N PRO D 120 -10.87 3.50 -28.47
CA PRO D 120 -12.00 3.39 -29.40
C PRO D 120 -13.32 3.57 -28.66
N LEU D 121 -14.33 4.08 -29.35
CA LEU D 121 -15.62 4.33 -28.73
C LEU D 121 -16.20 3.00 -28.28
N GLY D 122 -17.16 3.06 -27.38
CA GLY D 122 -17.74 1.85 -26.83
C GLY D 122 -16.74 1.14 -25.96
N THR D 123 -15.60 1.77 -25.73
CA THR D 123 -14.66 1.30 -24.73
C THR D 123 -15.35 1.39 -23.39
N ILE D 124 -15.44 0.28 -22.68
CA ILE D 124 -16.03 0.30 -21.35
C ILE D 124 -15.08 1.00 -20.38
N VAL D 125 -15.63 1.90 -19.59
CA VAL D 125 -14.88 2.66 -18.61
C VAL D 125 -15.43 2.37 -17.23
N ASN D 126 -14.53 2.28 -16.26
CA ASN D 126 -14.89 2.18 -14.86
C ASN D 126 -13.78 2.78 -14.03
N GLY D 127 -14.13 3.34 -12.87
CA GLY D 127 -13.12 3.85 -11.97
C GLY D 127 -13.59 4.86 -10.95
N LEU D 128 -12.68 5.21 -10.05
CA LEU D 128 -12.92 6.27 -9.09
C LEU D 128 -12.40 7.56 -9.70
N PHE D 129 -13.28 8.55 -9.76
CA PHE D 129 -12.92 9.85 -10.32
C PHE D 129 -13.43 10.98 -9.45
N VAL D 130 -12.59 11.99 -9.26
CA VAL D 130 -12.94 13.15 -8.46
C VAL D 130 -13.95 13.99 -9.23
N VAL D 131 -14.77 14.75 -8.51
CA VAL D 131 -15.80 15.60 -9.11
C VAL D 131 -15.43 17.09 -9.02
N GLN D 132 -15.14 17.71 -10.15
CA GLN D 132 -14.78 19.12 -10.19
C GLN D 132 -16.04 19.97 -10.08
N LYS D 133 -17.07 19.54 -10.79
CA LYS D 133 -18.38 20.17 -10.67
C LYS D 133 -19.47 19.24 -11.18
N VAL D 134 -20.69 19.49 -10.75
CA VAL D 134 -21.80 18.64 -11.15
C VAL D 134 -22.97 19.49 -11.64
N THR D 135 -23.45 19.16 -12.84
CA THR D 135 -24.53 19.91 -13.48
C THR D 135 -25.70 18.96 -13.73
N GLU D 136 -26.88 19.52 -13.96
CA GLU D 136 -28.10 18.70 -14.06
C GLU D 136 -28.93 18.94 -15.32
N LYS D 137 -29.17 17.88 -16.08
CA LYS D 137 -30.10 17.93 -17.22
C LYS D 137 -31.49 17.64 -16.70
N LYS D 138 -32.44 17.43 -17.62
CA LYS D 138 -33.78 17.08 -17.22
C LYS D 138 -33.77 15.80 -16.39
N LYS D 139 -33.54 14.67 -17.06
CA LYS D 139 -33.63 13.35 -16.44
C LYS D 139 -32.29 12.79 -15.99
N ASN D 140 -31.22 13.54 -16.22
CA ASN D 140 -29.88 13.08 -15.85
C ASN D 140 -29.11 14.10 -15.04
N ILE D 141 -27.85 13.78 -14.76
CA ILE D 141 -26.95 14.68 -14.06
C ILE D 141 -25.60 14.69 -14.77
N LEU D 142 -25.20 15.86 -15.28
CA LEU D 142 -23.93 15.98 -15.97
C LEU D 142 -22.81 16.07 -14.96
N PHE D 143 -21.90 15.11 -15.02
CA PHE D 143 -20.77 15.06 -14.11
C PHE D 143 -19.52 15.55 -14.83
N ASP D 144 -18.84 16.51 -14.21
CA ASP D 144 -17.54 16.95 -14.67
C ASP D 144 -16.49 16.22 -13.84
N LEU D 145 -15.73 15.34 -14.48
CA LEU D 145 -14.79 14.49 -13.77
C LEU D 145 -13.37 14.88 -14.11
N SER D 146 -12.45 14.68 -13.16
CA SER D 146 -11.09 15.14 -13.32
C SER D 146 -10.06 14.22 -12.64
N ASP D 147 -8.86 14.22 -13.19
CA ASP D 147 -7.69 13.72 -12.49
C ASP D 147 -6.53 14.56 -12.96
N ASN D 148 -5.35 14.30 -12.44
CA ASN D 148 -4.19 15.13 -12.77
C ASN D 148 -3.86 15.20 -14.25
N THR D 149 -4.40 14.29 -15.06
CA THR D 149 -4.13 14.32 -16.49
C THR D 149 -5.20 14.95 -17.40
N GLY D 150 -6.35 15.33 -16.86
CA GLY D 150 -7.38 15.94 -17.70
C GLY D 150 -8.82 15.88 -17.23
N LYS D 151 -9.74 16.14 -18.17
CA LYS D 151 -11.18 16.24 -17.87
C LYS D 151 -12.07 15.50 -18.86
N MET D 152 -13.07 14.82 -18.32
CA MET D 152 -14.11 14.20 -19.13
C MET D 152 -15.43 14.46 -18.44
N GLU D 153 -16.50 14.46 -19.23
CA GLU D 153 -17.83 14.64 -18.67
C GLU D 153 -18.64 13.36 -18.82
N VAL D 154 -19.50 13.11 -17.85
CA VAL D 154 -20.30 11.91 -17.83
C VAL D 154 -21.71 12.33 -17.45
N LEU D 155 -22.70 11.80 -18.16
CA LEU D 155 -24.07 12.11 -17.82
C LEU D 155 -24.65 10.96 -17.01
N GLY D 156 -24.85 11.20 -15.72
CA GLY D 156 -25.37 10.17 -14.84
C GLY D 156 -26.85 10.36 -14.62
N VAL D 157 -27.47 9.44 -13.91
CA VAL D 157 -28.91 9.48 -13.74
C VAL D 157 -29.31 10.35 -12.54
N ARG D 158 -30.61 10.51 -12.35
CA ARG D 158 -31.17 11.37 -11.32
C ARG D 158 -31.97 10.53 -10.33
N ASN D 159 -31.47 10.45 -9.09
CA ASN D 159 -32.09 9.62 -8.05
C ASN D 159 -31.75 10.07 -6.62
N GLU D 160 -32.30 9.37 -5.64
CA GLU D 160 -32.04 9.72 -4.24
C GLU D 160 -30.54 9.70 -3.98
N ASP D 161 -29.88 8.71 -4.54
CA ASP D 161 -28.47 8.50 -4.34
C ASP D 161 -27.61 9.56 -5.05
N THR D 162 -27.80 9.72 -6.35
CA THR D 162 -26.92 10.58 -7.14
C THR D 162 -27.09 12.05 -6.75
N MET D 163 -28.26 12.41 -6.25
CA MET D 163 -28.49 13.80 -5.87
C MET D 163 -27.80 14.19 -4.56
N LYS D 164 -27.20 13.22 -3.88
CA LYS D 164 -26.47 13.52 -2.66
C LYS D 164 -25.04 13.93 -3.00
N CYS D 165 -24.75 13.98 -4.30
CA CYS D 165 -23.42 14.31 -4.78
C CYS D 165 -23.16 15.82 -4.79
N LYS D 166 -21.88 16.18 -4.76
CA LYS D 166 -21.48 17.59 -4.77
C LYS D 166 -20.03 17.75 -5.27
N GLU D 167 -19.69 18.97 -5.67
CA GLU D 167 -18.33 19.28 -6.10
C GLU D 167 -17.33 18.85 -5.04
N GLY D 168 -16.30 18.11 -5.45
CA GLY D 168 -15.24 17.71 -4.55
C GLY D 168 -15.34 16.27 -4.08
N ASP D 169 -16.53 15.69 -4.19
CA ASP D 169 -16.68 14.28 -3.87
C ASP D 169 -16.04 13.45 -4.97
N LYS D 170 -16.12 12.13 -4.86
CA LYS D 170 -15.64 11.24 -5.90
C LYS D 170 -16.76 10.29 -6.28
N VAL D 171 -16.66 9.68 -7.45
CA VAL D 171 -17.66 8.71 -7.87
C VAL D 171 -17.02 7.44 -8.40
N ARG D 172 -17.69 6.32 -8.15
CA ARG D 172 -17.27 5.04 -8.71
C ARG D 172 -18.18 4.71 -9.90
N LEU D 173 -17.62 4.80 -11.10
CA LEU D 173 -18.34 4.48 -12.31
C LEU D 173 -18.07 3.02 -12.64
N THR D 174 -19.08 2.31 -13.16
CA THR D 174 -18.84 0.94 -13.60
C THR D 174 -19.67 0.63 -14.84
N PHE D 175 -19.07 -0.08 -15.77
CA PHE D 175 -19.69 -0.31 -17.07
C PHE D 175 -20.30 0.96 -17.64
N PHE D 176 -19.63 2.08 -17.42
CA PHE D 176 -19.93 3.29 -18.15
C PHE D 176 -19.17 3.14 -19.45
N THR D 177 -19.78 3.58 -20.55
CA THR D 177 -19.23 3.33 -21.88
C THR D 177 -18.56 4.59 -22.42
N LEU D 178 -17.54 4.44 -23.25
CA LEU D 178 -16.91 5.62 -23.80
C LEU D 178 -17.62 5.95 -25.11
N SER D 179 -18.46 6.99 -25.05
CA SER D 179 -19.24 7.46 -26.18
C SER D 179 -18.48 8.45 -27.06
N LYS D 180 -17.57 9.20 -26.45
CA LYS D 180 -16.88 10.27 -27.15
C LYS D 180 -15.42 10.34 -26.71
N ASN D 181 -14.52 10.48 -27.68
CA ASN D 181 -13.09 10.53 -27.38
C ASN D 181 -12.40 11.68 -28.09
N GLY D 182 -11.15 11.94 -27.71
CA GLY D 182 -10.41 13.06 -28.25
C GLY D 182 -10.50 14.23 -27.28
N GLU D 183 -10.22 15.43 -27.76
CA GLU D 183 -10.33 16.61 -26.92
C GLU D 183 -11.75 16.65 -26.37
N LYS D 184 -11.89 16.96 -25.08
CA LYS D 184 -13.21 17.00 -24.46
C LYS D 184 -13.99 15.71 -24.74
N LEU D 185 -13.58 14.62 -24.10
CA LEU D 185 -14.23 13.34 -24.28
C LEU D 185 -15.40 13.18 -23.33
N GLN D 186 -16.12 12.08 -23.48
CA GLN D 186 -17.30 11.83 -22.66
C GLN D 186 -17.60 10.35 -22.52
N LEU D 187 -18.27 10.00 -21.43
CA LEU D 187 -18.74 8.64 -21.24
C LEU D 187 -20.25 8.70 -21.05
N THR D 188 -20.92 7.60 -21.31
CA THR D 188 -22.37 7.56 -21.19
C THR D 188 -22.83 6.30 -20.49
N SER D 189 -23.86 6.44 -19.68
CA SER D 189 -24.40 5.32 -18.91
C SER D 189 -25.48 4.58 -19.68
N GLY D 190 -25.32 3.26 -19.74
CA GLY D 190 -26.32 2.39 -20.32
C GLY D 190 -27.08 1.66 -19.24
N VAL D 191 -27.91 0.70 -19.64
CA VAL D 191 -28.76 -0.01 -18.69
C VAL D 191 -27.94 -0.61 -17.56
N HIS D 192 -26.75 -1.07 -17.88
CA HIS D 192 -25.92 -1.79 -16.93
C HIS D 192 -24.87 -0.94 -16.22
N SER D 193 -24.92 0.36 -16.47
CA SER D 193 -24.01 1.26 -15.79
C SER D 193 -24.50 1.51 -14.38
N THR D 194 -23.57 1.64 -13.44
CA THR D 194 -23.92 2.02 -12.09
C THR D 194 -23.07 3.20 -11.63
N ILE D 195 -23.68 4.11 -10.89
CA ILE D 195 -22.97 5.28 -10.41
C ILE D 195 -23.16 5.40 -8.90
N LYS D 196 -22.06 5.26 -8.16
CA LYS D 196 -22.07 5.46 -6.72
C LYS D 196 -21.34 6.73 -6.30
N VAL D 197 -21.84 7.37 -5.25
CA VAL D 197 -21.28 8.62 -4.75
C VAL D 197 -20.51 8.44 -3.45
N ILE D 198 -19.24 8.84 -3.48
CA ILE D 198 -18.42 8.75 -2.29
C ILE D 198 -18.29 10.14 -1.71
N LYS D 199 -18.84 10.31 -0.52
CA LYS D 199 -18.83 11.61 0.16
C LYS D 199 -17.43 11.92 0.71
N ALA D 200 -17.31 13.02 1.44
CA ALA D 200 -16.01 13.42 2.01
C ALA D 200 -16.12 14.35 3.23
N LYS D 201 -15.04 14.43 3.99
CA LYS D 201 -14.92 15.32 5.16
C LYS D 201 -16.25 15.70 5.83
C1 EDO I . 16.26 1.16 -35.97
O1 EDO I . 15.17 0.26 -36.17
C2 EDO I . 17.49 0.62 -36.70
O2 EDO I . 18.55 1.58 -36.64
C1 EDO J . 17.29 6.75 -25.26
O1 EDO J . 16.37 7.74 -25.76
C2 EDO J . 16.55 5.42 -25.09
O2 EDO J . 16.10 4.98 -26.38
C1 EDO K . 18.60 13.25 3.91
O1 EDO K . 18.77 13.36 5.31
C2 EDO K . 18.65 14.65 3.41
O2 EDO K . 19.21 14.58 2.12
C1 EDO L . 14.94 5.54 11.97
O1 EDO L . 14.56 6.69 12.73
C2 EDO L . 15.95 4.71 12.76
O2 EDO L . 16.29 3.53 12.01
C1 EDO M . -13.49 -12.98 35.07
O1 EDO M . -14.60 -13.39 35.88
C2 EDO M . -13.54 -11.46 34.87
O2 EDO M . -13.16 -10.80 36.08
C1 EDO N . -22.86 -1.28 -21.78
O1 EDO N . -22.33 -2.00 -20.66
C2 EDO N . -23.73 -0.06 -21.43
O2 EDO N . -23.61 0.42 -20.08
C1 EDO O . -11.90 -6.10 -21.89
O1 EDO O . -12.99 -6.81 -21.28
C2 EDO O . -11.78 -6.53 -23.35
O2 EDO O . -10.91 -5.64 -24.05
C1 EDO P . -12.84 -1.66 -23.86
O1 EDO P . -14.04 -2.10 -23.21
C2 EDO P . -13.09 -1.49 -25.36
O2 EDO P . -11.91 -0.97 -25.99
C1 EDO Q . -16.23 -4.84 -13.39
O1 EDO Q . -16.27 -5.29 -12.02
C2 EDO Q . -16.14 -3.32 -13.42
O2 EDO Q . -15.09 -2.88 -12.57
#